data_7E6G
#
_entry.id   7E6G
#
_cell.length_a   82.525
_cell.length_b   236.728
_cell.length_c   148.627
_cell.angle_alpha   90.000
_cell.angle_beta   90.000
_cell.angle_gamma   90.000
#
_symmetry.space_group_name_H-M   'C 2 2 21'
#
loop_
_entity.id
_entity.type
_entity.pdbx_description
1 polymer 'Putative GGDEF domain protein'
2 polymer 'DUF1987 domain-containing protein'
3 non-polymer 'MAGNESIUM ION'
4 non-polymer 'PHOSPHOMETHYLPHOSPHONIC ACID GUANYLATE ESTER'
5 water water
#
loop_
_entity_poly.entity_id
_entity_poly.type
_entity_poly.pdbx_seq_one_letter_code
_entity_poly.pdbx_strand_id
1 'polypeptide(L)'
;SMSRERELDAWIDGLLADPQFHGHPLHQALARLRQQSLEQLVRLERIARISDGFQSMAREQNLSLSERYHKQLRRLEKVA
RISDRYQQMMRDLNLALKEASIRDPLTGLPNRRMLLERLREENERSQRHGQSYVLAMLDVDFFKQVNDTWGHDSGDRVLV
EIARAMESELREYDLCGRWGGEEFLLLLPQTRLQDAGPVLERVRDSVRTLAVRVGTEALSVTASVGVTEHRIGETYSQTV
NRADAALLDAKRSGRDKCVFAALPPLPAPSRPAPAR
;
A,B
2 'polypeptide(L)'
;SMSDLHIPGTQSTPAIQGDWQAGRLSMQGDSYPENSYELFGQVIDWVERFLADGQRPLELDLRLLYLNTSSIKAMMDILD
LLEEAHQGGRPVSLRWHYDRRNERVAELAEEFREDCSFPFAIQAHDE
;
C,D,E,F
#
loop_
_chem_comp.id
_chem_comp.type
_chem_comp.name
_chem_comp.formula
G2P non-polymer 'PHOSPHOMETHYLPHOSPHONIC ACID GUANYLATE ESTER' 'C11 H18 N5 O13 P3'
MG non-polymer 'MAGNESIUM ION' 'Mg 2'
#
# COMPACT_ATOMS: atom_id res chain seq x y z
N MET A 2 48.72 24.99 0.83
CA MET A 2 48.44 26.22 1.56
C MET A 2 49.66 26.69 2.33
N SER A 3 50.28 25.76 3.08
CA SER A 3 51.53 26.04 3.78
C SER A 3 52.50 26.80 2.88
N ARG A 4 52.65 26.31 1.64
CA ARG A 4 53.67 26.85 0.76
C ARG A 4 53.30 28.22 0.22
N GLU A 5 52.01 28.47 -0.08
CA GLU A 5 51.63 29.80 -0.58
C GLU A 5 51.89 30.88 0.47
N ARG A 6 51.62 30.57 1.75
CA ARG A 6 51.96 31.51 2.81
C ARG A 6 53.47 31.66 2.95
N GLU A 7 54.21 30.55 3.05
CA GLU A 7 55.66 30.62 3.15
C GLU A 7 56.24 31.48 2.03
N LEU A 8 55.68 31.34 0.82
CA LEU A 8 56.20 32.05 -0.33
C LEU A 8 55.85 33.52 -0.27
N ASP A 9 54.60 33.84 0.07
CA ASP A 9 54.21 35.24 0.15
C ASP A 9 55.01 35.95 1.23
N ALA A 10 55.36 35.23 2.30
CA ALA A 10 56.18 35.78 3.37
C ALA A 10 57.59 36.05 2.87
N TRP A 11 58.21 35.05 2.21
CA TRP A 11 59.54 35.25 1.63
C TRP A 11 59.55 36.45 0.68
N ILE A 12 58.51 36.57 -0.14
CA ILE A 12 58.41 37.70 -1.06
C ILE A 12 58.26 39.00 -0.30
N ASP A 13 57.49 38.99 0.78
CA ASP A 13 57.34 40.17 1.64
C ASP A 13 58.69 40.64 2.13
N GLY A 14 59.50 39.70 2.63
CA GLY A 14 60.82 40.06 3.10
C GLY A 14 61.68 40.62 1.99
N LEU A 15 61.64 39.98 0.82
CA LEU A 15 62.41 40.45 -0.33
C LEU A 15 62.03 41.88 -0.70
N LEU A 16 60.71 42.16 -0.75
CA LEU A 16 60.23 43.45 -1.21
C LEU A 16 60.54 44.53 -0.19
N ALA A 17 60.62 44.18 1.10
CA ALA A 17 61.00 45.13 2.14
C ALA A 17 62.50 45.42 2.16
N ASP A 18 63.35 44.44 1.84
CA ASP A 18 64.79 44.60 2.03
C ASP A 18 65.35 45.80 1.24
N PRO A 19 65.94 46.80 1.90
CA PRO A 19 66.36 48.02 1.18
C PRO A 19 67.40 47.77 0.10
N GLN A 20 68.12 46.64 0.13
CA GLN A 20 69.14 46.41 -0.88
C GLN A 20 68.55 46.18 -2.28
N PHE A 21 67.27 45.79 -2.35
CA PHE A 21 66.58 45.53 -3.57
C PHE A 21 65.80 46.63 -4.16
N HIS A 22 65.55 47.62 -3.41
CA HIS A 22 64.80 48.74 -3.85
C HIS A 22 65.57 49.37 -4.93
N GLY A 23 64.99 49.60 -6.06
CA GLY A 23 65.68 50.11 -7.21
C GLY A 23 66.11 49.15 -8.28
N HIS A 24 66.15 47.87 -8.00
CA HIS A 24 66.51 46.85 -8.92
C HIS A 24 65.52 46.70 -9.97
N PRO A 25 65.91 46.30 -11.10
CA PRO A 25 64.90 46.25 -12.18
C PRO A 25 63.81 45.21 -11.97
N LEU A 26 63.96 44.32 -11.04
CA LEU A 26 63.00 43.35 -10.77
C LEU A 26 62.18 43.50 -9.59
N HIS A 27 62.36 44.51 -8.81
CA HIS A 27 61.59 44.77 -7.65
C HIS A 27 60.18 45.13 -7.82
N GLN A 28 59.97 46.05 -8.65
CA GLN A 28 58.72 46.57 -9.00
C GLN A 28 57.91 45.55 -9.74
N ALA A 29 58.49 44.72 -10.52
CA ALA A 29 57.93 43.63 -11.17
C ALA A 29 57.43 42.60 -10.25
N LEU A 30 58.15 42.25 -9.24
CA LEU A 30 57.75 41.34 -8.27
C LEU A 30 56.69 41.83 -7.45
N ALA A 31 56.65 43.07 -7.11
CA ALA A 31 55.51 43.63 -6.38
C ALA A 31 54.23 43.53 -7.20
N ARG A 32 54.32 43.89 -8.48
CA ARG A 32 53.15 43.82 -9.35
C ARG A 32 52.66 42.39 -9.49
N LEU A 33 53.58 41.44 -9.62
CA LEU A 33 53.13 40.08 -9.85
C LEU A 33 52.60 39.43 -8.58
N ARG A 34 53.20 39.74 -7.43
CA ARG A 34 52.62 39.25 -6.18
C ARG A 34 51.20 39.77 -5.99
N GLN A 35 50.99 41.05 -6.28
CA GLN A 35 49.64 41.60 -6.27
C GLN A 35 48.71 40.83 -7.22
N GLN A 36 49.18 40.57 -8.45
CA GLN A 36 48.33 39.87 -9.42
C GLN A 36 47.96 38.49 -8.91
N SER A 37 48.89 37.82 -8.24
CA SER A 37 48.60 36.49 -7.74
C SER A 37 47.56 36.54 -6.64
N LEU A 38 47.62 37.56 -5.79
CA LEU A 38 46.60 37.72 -4.76
C LEU A 38 45.22 37.86 -5.41
N GLU A 39 45.13 38.64 -6.50
CA GLU A 39 43.85 38.79 -7.19
C GLU A 39 43.38 37.46 -7.77
N GLN A 40 44.27 36.72 -8.44
CA GLN A 40 43.88 35.44 -9.00
C GLN A 40 43.39 34.50 -7.90
N LEU A 41 44.02 34.55 -6.73
CA LEU A 41 43.59 33.70 -5.64
C LEU A 41 42.19 34.08 -5.18
N VAL A 42 41.92 35.38 -5.11
CA VAL A 42 40.58 35.83 -4.72
C VAL A 42 39.55 35.36 -5.75
N ARG A 43 39.91 35.46 -7.03
CA ARG A 43 39.04 34.99 -8.11
C ARG A 43 38.73 33.50 -7.95
N LEU A 44 39.75 32.70 -7.61
CA LEU A 44 39.56 31.27 -7.44
C LEU A 44 38.63 30.98 -6.25
N GLU A 45 38.77 31.63 -5.15
CA GLU A 45 37.92 31.45 -4.05
C GLU A 45 36.57 31.88 -4.29
N ARG A 46 36.40 32.88 -5.07
CA ARG A 46 35.11 33.34 -5.40
C ARG A 46 34.43 32.34 -6.23
N ILE A 47 35.11 31.69 -7.10
CA ILE A 47 34.50 30.75 -7.94
C ILE A 47 33.91 29.67 -7.15
N ALA A 48 34.60 29.21 -6.19
CA ALA A 48 34.21 28.21 -5.33
C ALA A 48 33.12 28.53 -4.49
N ARG A 49 33.04 29.69 -3.98
CA ARG A 49 32.02 30.10 -3.14
C ARG A 49 30.71 30.17 -3.84
N ILE A 50 30.68 30.63 -5.04
CA ILE A 50 29.50 30.70 -5.83
C ILE A 50 29.00 29.39 -6.18
N SER A 51 29.87 28.50 -6.51
CA SER A 51 29.57 27.19 -6.82
C SER A 51 29.02 26.51 -5.64
N ASP A 52 29.55 26.74 -4.48
CA ASP A 52 29.05 26.23 -3.28
C ASP A 52 27.71 26.74 -2.98
N GLY A 53 27.39 27.95 -3.30
CA GLY A 53 26.09 28.48 -3.18
C GLY A 53 25.04 27.89 -4.04
N PHE A 54 25.37 27.58 -5.25
CA PHE A 54 24.47 26.88 -6.17
C PHE A 54 24.16 25.48 -5.68
N GLN A 55 25.16 24.77 -5.19
CA GLN A 55 24.94 23.41 -4.70
C GLN A 55 24.12 23.40 -3.42
N SER A 56 24.26 24.44 -2.57
CA SER A 56 23.41 24.56 -1.40
C SER A 56 21.95 24.74 -1.80
N MET A 57 21.72 25.58 -2.81
CA MET A 57 20.37 25.78 -3.34
C MET A 57 19.75 24.47 -3.82
N ALA A 58 20.50 23.75 -4.68
CA ALA A 58 20.02 22.47 -5.19
C ALA A 58 19.81 21.46 -4.07
N ARG A 59 20.60 21.49 -3.07
CA ARG A 59 20.40 20.62 -2.01
C ARG A 59 19.21 20.85 -1.22
N GLU A 60 18.90 22.05 -0.98
CA GLU A 60 17.80 22.42 -0.23
C GLU A 60 16.59 21.95 -0.98
N GLN A 61 16.51 22.15 -2.23
CA GLN A 61 15.40 21.68 -3.05
C GLN A 61 15.25 20.15 -2.96
N ASN A 62 16.38 19.44 -3.05
CA ASN A 62 16.32 17.98 -3.03
C ASN A 62 15.87 17.45 -1.66
N LEU A 63 16.31 18.09 -0.57
CA LEU A 63 15.86 17.65 0.74
C LEU A 63 14.37 17.91 0.92
N SER A 64 13.84 19.00 0.34
CA SER A 64 12.41 19.23 0.34
C SER A 64 11.66 18.07 -0.36
N LEU A 65 12.15 17.68 -1.55
CA LEU A 65 11.51 16.58 -2.29
C LEU A 65 11.56 15.27 -1.50
N SER A 66 12.68 15.04 -0.80
CA SER A 66 12.84 13.82 0.00
C SER A 66 11.87 13.81 1.18
N GLU A 67 11.61 14.88 1.77
CA GLU A 67 10.68 14.95 2.78
C GLU A 67 9.30 14.68 2.29
N ARG A 68 8.99 15.03 1.11
CA ARG A 68 7.73 14.68 0.61
C ARG A 68 7.54 13.30 0.35
N TYR A 69 8.51 12.65 -0.12
CA TYR A 69 8.54 11.31 -0.41
C TYR A 69 8.33 10.47 0.77
N HIS A 70 8.91 10.78 1.85
CA HIS A 70 8.77 10.15 3.07
C HIS A 70 7.41 10.33 3.65
N LYS A 71 6.78 11.46 3.48
CA LYS A 71 5.45 11.69 3.91
C LYS A 71 4.50 10.84 3.22
N GLN A 72 4.66 10.63 1.97
CA GLN A 72 3.92 9.81 1.16
C GLN A 72 4.02 8.43 1.57
N LEU A 73 5.16 7.95 1.95
CA LEU A 73 5.33 6.65 2.41
C LEU A 73 4.65 6.31 3.63
N ARG A 74 4.61 7.22 4.50
CA ARG A 74 3.91 7.14 5.68
C ARG A 74 2.52 7.12 5.52
N ARG A 75 2.01 7.92 4.66
CA ARG A 75 0.66 8.02 4.35
C ARG A 75 0.14 6.77 3.82
N LEU A 76 0.81 6.11 2.95
CA LEU A 76 0.49 4.89 2.47
C LEU A 76 0.52 3.88 3.52
N GLU A 77 1.50 3.84 4.35
CA GLU A 77 1.50 2.83 5.41
C GLU A 77 0.35 3.07 6.40
N LYS A 78 0.02 4.33 6.69
CA LYS A 78 -1.07 4.64 7.60
C LYS A 78 -2.42 4.28 7.01
N VAL A 79 -2.64 4.66 5.74
CA VAL A 79 -3.91 4.31 5.09
C VAL A 79 -4.12 2.81 5.12
N ALA A 80 -3.06 2.06 4.83
CA ALA A 80 -3.18 0.60 4.82
C ALA A 80 -3.42 0.06 6.22
N ARG A 81 -2.87 0.60 7.23
CA ARG A 81 -3.13 0.16 8.47
C ARG A 81 -4.46 0.43 8.95
N ILE A 82 -4.95 1.58 8.81
CA ILE A 82 -6.31 1.90 9.20
C ILE A 82 -7.29 1.00 8.47
N SER A 83 -7.13 0.90 7.15
CA SER A 83 -8.01 0.03 6.37
C SER A 83 -7.95 -1.40 6.89
N ASP A 84 -6.75 -1.90 7.20
CA ASP A 84 -6.62 -3.26 7.74
C ASP A 84 -7.47 -3.43 8.98
N ARG A 85 -7.43 -2.52 9.86
CA ARG A 85 -8.26 -2.57 10.97
C ARG A 85 -9.68 -2.48 10.73
N TYR A 86 -10.13 -1.77 9.80
CA TYR A 86 -11.55 -1.79 9.46
C TYR A 86 -11.95 -3.18 8.98
N GLN A 87 -11.09 -3.79 8.18
CA GLN A 87 -11.41 -5.09 7.62
C GLN A 87 -11.35 -6.18 8.69
N GLN A 88 -10.54 -5.99 9.74
CA GLN A 88 -10.55 -6.96 10.84
C GLN A 88 -11.85 -6.86 11.63
N MET A 89 -12.40 -5.74 11.84
CA MET A 89 -13.61 -5.65 12.46
C MET A 89 -14.70 -6.21 11.68
N MET A 90 -14.68 -5.94 10.42
CA MET A 90 -15.67 -6.56 9.55
C MET A 90 -15.56 -8.09 9.57
N ARG A 91 -14.32 -8.60 9.58
CA ARG A 91 -14.08 -10.04 9.59
C ARG A 91 -14.65 -10.68 10.84
N ASP A 92 -14.37 -10.09 12.01
CA ASP A 92 -14.91 -10.59 13.25
C ASP A 92 -16.45 -10.57 13.25
N LEU A 93 -17.05 -9.51 12.73
CA LEU A 93 -18.50 -9.47 12.60
C LEU A 93 -19.02 -10.59 11.70
N ASN A 94 -18.36 -10.85 10.57
CA ASN A 94 -18.86 -11.91 9.69
C ASN A 94 -18.70 -13.28 10.35
N LEU A 95 -17.59 -13.49 11.07
CA LEU A 95 -17.36 -14.76 11.74
C LEU A 95 -18.43 -15.02 12.80
N ALA A 96 -18.70 -14.03 13.65
CA ALA A 96 -19.75 -14.19 14.65
C ALA A 96 -21.11 -14.49 13.99
N LEU A 97 -21.45 -13.79 12.90
CA LEU A 97 -22.75 -14.01 12.29
C LEU A 97 -22.87 -15.42 11.71
N LYS A 98 -21.84 -15.86 10.99
CA LYS A 98 -21.80 -17.20 10.41
C LYS A 98 -21.91 -18.25 11.52
N GLU A 99 -21.07 -18.11 12.54
CA GLU A 99 -21.15 -18.97 13.71
C GLU A 99 -22.57 -19.05 14.25
N ALA A 100 -23.25 -17.91 14.40
CA ALA A 100 -24.60 -17.93 14.92
C ALA A 100 -25.58 -18.59 13.96
N SER A 101 -25.32 -18.53 12.66
CA SER A 101 -26.33 -19.11 11.80
C SER A 101 -26.14 -20.62 11.57
N ILE A 102 -24.95 -21.17 11.71
CA ILE A 102 -24.71 -22.55 11.30
C ILE A 102 -24.23 -23.47 12.41
N ARG A 103 -23.88 -22.95 13.58
CA ARG A 103 -23.39 -23.81 14.66
C ARG A 103 -24.39 -23.82 15.81
N ASP A 104 -24.54 -25.00 16.41
CA ASP A 104 -25.47 -25.21 17.50
C ASP A 104 -24.86 -24.74 18.81
N PRO A 105 -25.51 -23.84 19.54
CA PRO A 105 -24.88 -23.28 20.76
C PRO A 105 -24.45 -24.32 21.79
N LEU A 106 -25.29 -25.29 22.13
CA LEU A 106 -24.96 -26.21 23.23
C LEU A 106 -23.78 -27.13 22.87
N THR A 107 -23.85 -27.80 21.73
CA THR A 107 -22.91 -28.89 21.41
C THR A 107 -21.75 -28.45 20.54
N GLY A 108 -21.83 -27.27 19.91
CA GLY A 108 -20.84 -26.86 18.93
C GLY A 108 -21.01 -27.50 17.57
N LEU A 109 -21.79 -28.57 17.46
CA LEU A 109 -22.01 -29.24 16.20
C LEU A 109 -22.63 -28.32 15.15
N PRO A 110 -22.67 -28.74 13.95
CA PRO A 110 -23.37 -28.08 12.93
C PRO A 110 -24.81 -28.15 13.14
N ASN A 111 -25.55 -27.17 12.82
CA ASN A 111 -26.95 -27.17 12.95
C ASN A 111 -27.78 -27.59 11.82
N ARG A 112 -29.06 -27.48 11.89
CA ARG A 112 -29.92 -27.86 10.88
C ARG A 112 -29.76 -27.15 9.63
N ARG A 113 -29.51 -25.88 9.65
CA ARG A 113 -29.25 -25.12 8.52
C ARG A 113 -28.05 -25.56 7.86
N MET A 114 -27.01 -25.89 8.54
CA MET A 114 -25.84 -26.35 7.95
C MET A 114 -25.94 -27.62 7.22
N LEU A 115 -26.67 -28.49 7.77
CA LEU A 115 -26.94 -29.72 7.29
C LEU A 115 -27.72 -29.77 6.13
N LEU A 116 -28.70 -28.99 6.07
CA LEU A 116 -29.54 -28.84 4.98
C LEU A 116 -28.84 -28.24 3.84
N GLU A 117 -27.98 -27.33 4.06
CA GLU A 117 -27.24 -26.70 3.10
C GLU A 117 -26.29 -27.56 2.54
N ARG A 118 -25.66 -28.38 3.28
CA ARG A 118 -24.77 -29.34 2.81
C ARG A 118 -25.46 -30.47 2.18
N LEU A 119 -26.60 -30.81 2.63
CA LEU A 119 -27.36 -31.89 2.00
C LEU A 119 -27.76 -31.51 0.58
N ARG A 120 -28.16 -30.26 0.38
CA ARG A 120 -28.42 -29.77 -0.98
C ARG A 120 -27.18 -29.91 -1.87
N GLU A 121 -26.03 -29.45 -1.39
CA GLU A 121 -24.88 -29.49 -2.30
C GLU A 121 -24.37 -30.93 -2.51
N GLU A 122 -24.61 -31.83 -1.56
CA GLU A 122 -24.23 -33.22 -1.82
C GLU A 122 -25.22 -33.94 -2.73
N ASN A 123 -26.44 -33.55 -2.80
CA ASN A 123 -27.30 -34.10 -3.73
C ASN A 123 -26.92 -33.70 -5.02
N GLU A 124 -26.52 -32.45 -5.24
CA GLU A 124 -26.03 -32.01 -6.54
C GLU A 124 -24.74 -32.75 -6.94
N ARG A 125 -23.86 -32.98 -6.07
CA ARG A 125 -22.69 -33.67 -6.37
C ARG A 125 -22.94 -35.05 -6.78
N SER A 126 -23.94 -35.66 -6.24
CA SER A 126 -24.34 -36.99 -6.58
C SER A 126 -24.86 -37.17 -7.90
N GLN A 127 -25.55 -36.17 -8.34
CA GLN A 127 -26.04 -36.12 -9.64
C GLN A 127 -25.03 -36.11 -10.70
N ARG A 128 -24.10 -35.20 -10.67
CA ARG A 128 -23.09 -35.11 -11.65
C ARG A 128 -22.04 -36.07 -11.65
N HIS A 129 -21.44 -36.29 -10.54
CA HIS A 129 -20.37 -37.22 -10.44
C HIS A 129 -20.72 -38.55 -9.98
N GLY A 130 -21.95 -38.77 -9.65
CA GLY A 130 -22.38 -40.08 -9.29
C GLY A 130 -22.01 -40.71 -8.00
N GLN A 131 -21.44 -39.94 -7.14
CA GLN A 131 -20.97 -40.31 -5.86
C GLN A 131 -22.03 -39.99 -4.81
N SER A 132 -22.55 -40.98 -4.13
CA SER A 132 -23.51 -40.73 -3.16
C SER A 132 -23.03 -40.65 -1.78
N TYR A 133 -23.90 -40.24 -0.94
CA TYR A 133 -23.60 -40.13 0.48
C TYR A 133 -24.51 -41.07 1.24
N VAL A 134 -24.17 -41.31 2.50
CA VAL A 134 -25.10 -42.03 3.36
C VAL A 134 -25.53 -41.11 4.50
N LEU A 135 -26.71 -41.39 5.02
CA LEU A 135 -27.37 -40.60 6.04
C LEU A 135 -27.66 -41.51 7.21
N ALA A 136 -27.21 -41.14 8.41
CA ALA A 136 -27.54 -41.88 9.63
C ALA A 136 -28.22 -40.94 10.60
N MET A 137 -29.44 -41.28 11.00
CA MET A 137 -30.19 -40.45 11.94
C MET A 137 -30.29 -41.17 13.28
N LEU A 138 -29.84 -40.50 14.31
CA LEU A 138 -29.61 -41.07 15.63
C LEU A 138 -30.52 -40.37 16.62
N ASP A 139 -31.19 -41.14 17.49
CA ASP A 139 -32.12 -40.58 18.46
C ASP A 139 -31.85 -41.24 19.80
N VAL A 140 -31.67 -40.42 20.85
CA VAL A 140 -31.28 -40.94 22.16
C VAL A 140 -32.43 -41.71 22.80
N ASP A 141 -32.11 -42.89 23.32
CA ASP A 141 -33.12 -43.73 23.95
C ASP A 141 -33.35 -43.30 25.40
N PHE A 142 -34.61 -43.11 25.77
CA PHE A 142 -35.04 -42.83 27.15
C PHE A 142 -34.39 -41.56 27.71
N PHE A 143 -34.14 -40.58 26.86
CA PHE A 143 -33.53 -39.34 27.32
C PHE A 143 -34.37 -38.65 28.37
N LYS A 144 -35.60 -38.76 28.33
CA LYS A 144 -36.43 -38.20 29.23
C LYS A 144 -36.15 -38.70 30.61
N GLN A 145 -35.77 -39.96 30.82
CA GLN A 145 -35.32 -40.44 32.12
C GLN A 145 -34.09 -39.67 32.59
N VAL A 146 -33.16 -39.38 31.68
CA VAL A 146 -32.02 -38.57 32.06
C VAL A 146 -32.49 -37.24 32.62
N ASN A 147 -33.40 -36.58 31.89
CA ASN A 147 -33.81 -35.24 32.31
C ASN A 147 -34.61 -35.30 33.61
N ASP A 148 -35.41 -36.34 33.78
CA ASP A 148 -36.30 -36.41 34.93
C ASP A 148 -35.55 -36.80 36.19
N THR A 149 -34.52 -37.62 36.07
CA THR A 149 -33.75 -38.04 37.23
C THR A 149 -32.66 -37.04 37.61
N TRP A 150 -31.96 -36.45 36.64
CA TRP A 150 -30.82 -35.63 36.96
C TRP A 150 -30.95 -34.18 36.52
N GLY A 151 -32.07 -33.80 35.91
CA GLY A 151 -32.24 -32.44 35.46
C GLY A 151 -31.82 -32.22 34.02
N HIS A 152 -32.33 -31.12 33.46
CA HIS A 152 -32.04 -30.82 32.06
C HIS A 152 -30.59 -30.39 31.86
N ASP A 153 -29.95 -29.83 32.88
CA ASP A 153 -28.53 -29.49 32.76
C ASP A 153 -27.68 -30.75 32.63
N SER A 154 -28.08 -31.81 33.33
CA SER A 154 -27.41 -33.10 33.21
C SER A 154 -27.61 -33.69 31.81
N GLY A 155 -28.86 -33.72 31.32
CA GLY A 155 -29.08 -34.13 29.95
C GLY A 155 -28.27 -33.32 28.95
N ASP A 156 -28.07 -32.03 29.22
CA ASP A 156 -27.31 -31.19 28.31
C ASP A 156 -25.85 -31.62 28.28
N ARG A 157 -25.28 -31.85 29.46
CA ARG A 157 -23.94 -32.43 29.52
C ARG A 157 -23.88 -33.73 28.75
N VAL A 158 -24.91 -34.57 28.90
CA VAL A 158 -24.96 -35.84 28.20
C VAL A 158 -24.89 -35.62 26.69
N LEU A 159 -25.69 -34.68 26.19
CA LEU A 159 -25.70 -34.39 24.76
C LEU A 159 -24.36 -33.86 24.28
N VAL A 160 -23.70 -33.01 25.08
CA VAL A 160 -22.37 -32.56 24.71
C VAL A 160 -21.42 -33.75 24.59
N GLU A 161 -21.49 -34.66 25.54
CA GLU A 161 -20.56 -35.79 25.51
C GLU A 161 -20.84 -36.72 24.35
N ILE A 162 -22.13 -36.91 24.03
CA ILE A 162 -22.48 -37.67 22.84
C ILE A 162 -21.88 -37.01 21.61
N ALA A 163 -21.98 -35.68 21.53
CA ALA A 163 -21.44 -34.97 20.37
C ALA A 163 -19.93 -35.18 20.26
N ARG A 164 -19.21 -35.01 21.37
CA ARG A 164 -17.76 -35.21 21.35
C ARG A 164 -17.44 -36.62 20.89
N ALA A 165 -18.15 -37.61 21.44
CA ALA A 165 -17.83 -39.00 21.15
C ALA A 165 -18.06 -39.31 19.67
N MET A 166 -19.19 -38.84 19.13
CA MET A 166 -19.47 -39.14 17.73
C MET A 166 -18.47 -38.46 16.81
N GLU A 167 -18.16 -37.18 17.06
CA GLU A 167 -17.18 -36.49 16.23
C GLU A 167 -15.81 -37.17 16.29
N SER A 168 -15.47 -37.82 17.41
CA SER A 168 -14.15 -38.45 17.50
C SER A 168 -14.01 -39.70 16.64
N GLU A 169 -15.10 -40.37 16.26
CA GLU A 169 -15.02 -41.58 15.45
C GLU A 169 -15.34 -41.33 13.98
N LEU A 170 -15.54 -40.08 13.57
CA LEU A 170 -15.89 -39.76 12.20
C LEU A 170 -14.66 -39.36 11.39
N ARG A 171 -14.72 -39.61 10.08
CA ARG A 171 -13.64 -39.17 9.21
C ARG A 171 -13.72 -37.66 9.02
N GLU A 172 -12.69 -37.08 8.42
CA GLU A 172 -12.53 -35.63 8.52
C GLU A 172 -13.57 -34.87 7.71
N TYR A 173 -14.10 -35.46 6.65
CA TYR A 173 -15.11 -34.77 5.85
C TYR A 173 -16.53 -35.20 6.17
N ASP A 174 -16.70 -36.21 7.02
CA ASP A 174 -18.02 -36.52 7.55
C ASP A 174 -18.55 -35.36 8.40
N LEU A 175 -19.85 -35.34 8.55
CA LEU A 175 -20.54 -34.21 9.16
C LEU A 175 -21.52 -34.73 10.20
N CYS A 176 -21.35 -34.33 11.44
CA CYS A 176 -22.29 -34.70 12.49
C CYS A 176 -23.05 -33.47 12.96
N GLY A 177 -24.36 -33.45 12.71
CA GLY A 177 -25.17 -32.28 13.02
C GLY A 177 -26.21 -32.56 14.09
N ARG A 178 -26.51 -31.53 14.87
CA ARG A 178 -27.63 -31.55 15.80
C ARG A 178 -28.92 -31.35 15.02
N TRP A 179 -29.80 -32.35 15.04
CA TRP A 179 -30.98 -32.36 14.19
C TRP A 179 -32.24 -31.99 14.95
N GLY A 180 -32.23 -32.15 16.26
CA GLY A 180 -33.39 -31.97 17.11
C GLY A 180 -32.94 -31.91 18.56
N GLY A 181 -33.91 -31.91 19.45
CA GLY A 181 -33.58 -31.86 20.87
C GLY A 181 -32.57 -32.92 21.26
N GLU A 182 -32.80 -34.15 20.82
CA GLU A 182 -31.95 -35.29 21.15
C GLU A 182 -31.80 -36.17 19.92
N GLU A 183 -31.75 -35.56 18.74
CA GLU A 183 -31.52 -36.26 17.49
C GLU A 183 -30.29 -35.68 16.81
N PHE A 184 -29.55 -36.54 16.13
CA PHE A 184 -28.35 -36.15 15.41
C PHE A 184 -28.40 -36.74 14.00
N LEU A 185 -27.91 -35.99 13.03
CA LEU A 185 -27.86 -36.43 11.65
C LEU A 185 -26.41 -36.54 11.23
N LEU A 186 -25.98 -37.75 10.90
CA LEU A 186 -24.66 -38.01 10.35
C LEU A 186 -24.78 -38.00 8.83
N LEU A 187 -23.97 -37.18 8.18
CA LEU A 187 -23.81 -37.20 6.74
C LEU A 187 -22.42 -37.71 6.40
N LEU A 188 -22.36 -38.85 5.73
CA LEU A 188 -21.07 -39.33 5.25
C LEU A 188 -21.01 -39.10 3.74
N PRO A 189 -20.30 -38.08 3.29
CA PRO A 189 -20.28 -37.76 1.86
C PRO A 189 -19.36 -38.71 1.11
N GLN A 190 -19.70 -38.92 -0.16
CA GLN A 190 -18.93 -39.80 -1.04
C GLN A 190 -18.62 -41.11 -0.35
N THR A 191 -19.67 -41.73 0.17
CA THR A 191 -19.55 -42.97 0.92
C THR A 191 -20.72 -43.87 0.53
N ARG A 192 -20.44 -45.16 0.39
CA ARG A 192 -21.47 -46.15 0.20
C ARG A 192 -21.68 -46.98 1.47
N LEU A 193 -22.90 -47.54 1.58
CA LEU A 193 -23.34 -48.28 2.76
C LEU A 193 -22.27 -49.21 3.31
N GLN A 194 -21.64 -49.98 2.42
CA GLN A 194 -20.65 -50.96 2.83
C GLN A 194 -19.48 -50.30 3.56
N ASP A 195 -19.05 -49.18 3.13
CA ASP A 195 -18.06 -48.44 3.79
C ASP A 195 -18.59 -47.70 5.02
N ALA A 196 -19.87 -47.44 5.10
CA ALA A 196 -20.47 -46.73 6.23
C ALA A 196 -20.59 -47.64 7.45
N GLY A 197 -20.96 -48.91 7.24
CA GLY A 197 -21.12 -49.88 8.28
C GLY A 197 -20.09 -49.79 9.39
N PRO A 198 -18.81 -49.98 9.06
CA PRO A 198 -17.77 -49.90 10.10
C PRO A 198 -17.72 -48.57 10.83
N VAL A 199 -17.72 -47.44 10.12
CA VAL A 199 -17.69 -46.14 10.77
C VAL A 199 -18.88 -46.00 11.72
N LEU A 200 -20.08 -46.32 11.22
CA LEU A 200 -21.29 -46.22 12.05
C LEU A 200 -21.18 -47.10 13.29
N GLU A 201 -20.67 -48.32 13.14
CA GLU A 201 -20.55 -49.18 14.32
C GLU A 201 -19.55 -48.61 15.32
N ARG A 202 -18.52 -47.91 14.84
CA ARG A 202 -17.59 -47.28 15.77
C ARG A 202 -18.23 -46.08 16.47
N VAL A 203 -19.07 -45.35 15.76
CA VAL A 203 -19.83 -44.26 16.36
C VAL A 203 -20.74 -44.79 17.46
N ARG A 204 -21.41 -45.93 17.20
CA ARG A 204 -22.31 -46.47 18.20
C ARG A 204 -21.54 -47.05 19.38
N ASP A 205 -20.39 -47.66 19.14
CA ASP A 205 -19.54 -48.04 20.27
C ASP A 205 -19.16 -46.81 21.08
N SER A 206 -18.79 -45.73 20.38
CA SER A 206 -18.40 -44.51 21.06
C SER A 206 -19.49 -44.05 22.01
N VAL A 207 -20.73 -43.95 21.52
CA VAL A 207 -21.84 -43.53 22.36
C VAL A 207 -22.08 -44.53 23.50
N ARG A 208 -22.07 -45.82 23.17
CA ARG A 208 -22.39 -46.84 24.17
C ARG A 208 -21.42 -46.78 25.35
N THR A 209 -20.14 -46.62 25.11
CA THR A 209 -19.17 -46.73 26.20
C THR A 209 -19.01 -45.43 26.97
N LEU A 210 -19.74 -44.38 26.58
CA LEU A 210 -19.70 -43.12 27.28
C LEU A 210 -20.19 -43.28 28.72
N ALA A 211 -19.55 -42.58 29.64
CA ALA A 211 -20.00 -42.54 31.03
C ALA A 211 -19.90 -41.08 31.46
N VAL A 212 -21.04 -40.41 31.56
CA VAL A 212 -21.08 -39.01 31.94
C VAL A 212 -21.27 -38.92 33.44
N ARG A 213 -20.30 -38.35 34.14
CA ARG A 213 -20.41 -38.26 35.60
C ARG A 213 -21.31 -37.11 35.98
N VAL A 214 -22.33 -37.39 36.79
CA VAL A 214 -23.16 -36.40 37.44
C VAL A 214 -23.10 -36.71 38.92
N GLY A 215 -22.39 -35.88 39.67
CA GLY A 215 -22.14 -36.12 41.06
C GLY A 215 -21.78 -37.55 41.36
N THR A 216 -22.68 -38.20 42.05
CA THR A 216 -22.45 -39.47 42.64
C THR A 216 -22.78 -40.63 41.70
N GLU A 217 -23.22 -40.33 40.47
CA GLU A 217 -23.65 -41.34 39.50
C GLU A 217 -22.94 -41.11 38.18
N ALA A 218 -22.80 -42.17 37.39
CA ALA A 218 -22.15 -42.12 36.08
C ALA A 218 -23.13 -42.67 35.05
N LEU A 219 -23.69 -41.78 34.23
CA LEU A 219 -24.79 -42.11 33.32
C LEU A 219 -24.27 -42.76 32.05
N SER A 220 -24.99 -43.77 31.59
CA SER A 220 -24.79 -44.37 30.29
C SER A 220 -26.10 -44.35 29.51
N VAL A 221 -25.99 -44.32 28.19
CA VAL A 221 -27.14 -44.18 27.33
C VAL A 221 -26.98 -45.07 26.11
N THR A 222 -28.09 -45.29 25.43
CA THR A 222 -28.06 -45.91 24.13
C THR A 222 -28.76 -44.98 23.15
N ALA A 223 -28.52 -45.23 21.87
CA ALA A 223 -29.21 -44.50 20.81
C ALA A 223 -29.77 -45.50 19.81
N SER A 224 -30.96 -45.21 19.30
CA SER A 224 -31.45 -45.86 18.09
C SER A 224 -30.91 -45.11 16.89
N VAL A 225 -30.73 -45.80 15.78
CA VAL A 225 -30.25 -45.12 14.57
C VAL A 225 -30.79 -45.81 13.33
N GLY A 226 -31.27 -44.99 12.39
CA GLY A 226 -31.72 -45.47 11.09
C GLY A 226 -30.77 -44.92 10.03
N VAL A 227 -30.31 -45.78 9.13
CA VAL A 227 -29.36 -45.32 8.13
C VAL A 227 -29.84 -45.72 6.74
N THR A 228 -29.63 -44.82 5.78
CA THR A 228 -29.89 -45.07 4.37
C THR A 228 -28.77 -44.53 3.50
N GLU A 229 -28.80 -44.96 2.25
CA GLU A 229 -27.97 -44.41 1.19
C GLU A 229 -28.79 -43.48 0.32
N HIS A 230 -28.14 -42.43 -0.17
CA HIS A 230 -28.83 -41.56 -1.09
C HIS A 230 -29.05 -42.26 -2.43
N ARG A 231 -30.31 -42.35 -2.87
CA ARG A 231 -30.66 -42.90 -4.16
C ARG A 231 -30.75 -41.77 -5.19
N ILE A 232 -29.97 -41.88 -6.27
CA ILE A 232 -29.87 -40.78 -7.23
C ILE A 232 -31.20 -40.59 -7.96
N GLY A 233 -31.52 -39.33 -8.27
CA GLY A 233 -32.82 -39.01 -8.82
C GLY A 233 -33.86 -38.76 -7.77
N GLU A 234 -33.43 -38.35 -6.59
CA GLU A 234 -34.28 -38.22 -5.42
C GLU A 234 -33.79 -37.00 -4.66
N THR A 235 -34.72 -36.24 -4.11
CA THR A 235 -34.37 -35.04 -3.37
C THR A 235 -33.78 -35.39 -2.02
N TYR A 236 -32.94 -34.49 -1.48
CA TYR A 236 -32.32 -34.74 -0.18
C TYR A 236 -33.36 -34.90 0.93
N SER A 237 -34.54 -34.31 0.76
CA SER A 237 -35.59 -34.46 1.77
C SER A 237 -36.14 -35.87 1.80
N GLN A 238 -36.22 -36.53 0.64
CA GLN A 238 -36.74 -37.90 0.62
C GLN A 238 -35.72 -38.86 1.19
N THR A 239 -34.43 -38.60 0.94
CA THR A 239 -33.38 -39.30 1.67
C THR A 239 -33.54 -39.15 3.18
N VAL A 240 -33.67 -37.91 3.66
CA VAL A 240 -33.86 -37.71 5.10
C VAL A 240 -35.08 -38.49 5.58
N ASN A 241 -36.17 -38.44 4.83
CA ASN A 241 -37.39 -39.15 5.23
C ASN A 241 -37.14 -40.65 5.37
N ARG A 242 -36.36 -41.23 4.46
CA ARG A 242 -36.14 -42.67 4.56
C ARG A 242 -35.24 -43.01 5.74
N ALA A 243 -34.20 -42.21 5.98
CA ALA A 243 -33.38 -42.41 7.17
C ALA A 243 -34.25 -42.33 8.42
N ASP A 244 -35.19 -41.40 8.43
CA ASP A 244 -36.09 -41.21 9.56
C ASP A 244 -37.00 -42.41 9.76
N ALA A 245 -37.54 -42.95 8.67
CA ALA A 245 -38.39 -44.13 8.79
C ALA A 245 -37.60 -45.32 9.29
N ALA A 246 -36.32 -45.42 8.89
CA ALA A 246 -35.47 -46.47 9.41
C ALA A 246 -35.27 -46.30 10.92
N LEU A 247 -34.99 -45.07 11.36
CA LEU A 247 -34.99 -44.76 12.79
C LEU A 247 -36.28 -45.21 13.49
N LEU A 248 -37.43 -44.97 12.87
CA LEU A 248 -38.67 -45.41 13.49
C LEU A 248 -38.69 -46.92 13.66
N ASP A 249 -38.24 -47.65 12.64
CA ASP A 249 -38.21 -49.12 12.76
C ASP A 249 -37.23 -49.56 13.86
N ALA A 250 -36.07 -48.92 13.94
CA ALA A 250 -35.18 -49.18 15.06
C ALA A 250 -35.92 -49.00 16.37
N LYS A 251 -36.65 -47.90 16.51
CA LYS A 251 -37.29 -47.60 17.78
C LYS A 251 -38.39 -48.60 18.11
N ARG A 252 -39.16 -49.02 17.11
CA ARG A 252 -40.24 -49.96 17.35
C ARG A 252 -39.71 -51.36 17.66
N SER A 253 -38.51 -51.68 17.19
CA SER A 253 -37.94 -53.02 17.33
C SER A 253 -37.07 -53.16 18.58
N GLY A 254 -37.11 -52.22 19.50
CA GLY A 254 -36.49 -52.44 20.80
C GLY A 254 -35.32 -51.58 21.27
N ARG A 255 -34.87 -50.61 20.48
CA ARG A 255 -33.85 -49.66 20.95
C ARG A 255 -32.44 -50.23 21.11
N ASP A 256 -31.45 -49.35 21.21
CA ASP A 256 -30.04 -49.73 20.99
C ASP A 256 -29.89 -50.53 19.70
N LYS A 257 -30.72 -50.23 18.71
CA LYS A 257 -30.75 -50.92 17.43
C LYS A 257 -30.34 -49.95 16.34
N CYS A 258 -29.95 -50.50 15.19
CA CYS A 258 -29.55 -49.70 14.04
C CYS A 258 -30.06 -50.43 12.80
N VAL A 259 -31.11 -49.91 12.19
CA VAL A 259 -31.70 -50.58 11.02
C VAL A 259 -31.32 -49.82 9.77
N PHE A 260 -30.98 -50.58 8.73
CA PHE A 260 -30.73 -50.09 7.38
C PHE A 260 -32.01 -50.25 6.55
N ALA A 261 -32.20 -49.32 5.62
CA ALA A 261 -33.23 -49.41 4.59
C ALA A 261 -32.55 -49.65 3.24
N ALA A 262 -33.08 -50.60 2.47
CA ALA A 262 -32.62 -50.86 1.10
C ALA A 262 -33.79 -50.68 0.13
N LEU A 263 -33.58 -51.10 -1.12
CA LEU A 263 -34.57 -50.96 -2.19
C LEU A 263 -34.81 -52.30 -2.87
N PRO A 264 -35.94 -52.96 -2.58
CA PRO A 264 -36.38 -54.08 -3.43
C PRO A 264 -36.64 -53.59 -4.86
N PRO A 265 -36.03 -54.25 -5.88
CA PRO A 265 -36.04 -53.76 -7.27
C PRO A 265 -37.43 -53.47 -7.82
N MET B 2 42.18 37.37 -18.58
CA MET B 2 42.38 38.80 -18.63
C MET B 2 43.38 39.28 -19.64
N SER B 3 43.51 40.56 -19.82
CA SER B 3 44.46 41.07 -20.81
C SER B 3 45.65 41.79 -20.18
N ARG B 4 45.43 42.59 -19.13
CA ARG B 4 46.54 43.15 -18.39
C ARG B 4 47.41 42.05 -17.80
N GLU B 5 46.78 40.96 -17.33
CA GLU B 5 47.52 39.83 -16.79
C GLU B 5 48.37 39.17 -17.86
N ARG B 6 47.85 39.08 -19.09
CA ARG B 6 48.64 38.60 -20.22
C ARG B 6 49.90 39.45 -20.42
N GLU B 7 49.72 40.79 -20.48
CA GLU B 7 50.85 41.69 -20.73
C GLU B 7 51.85 41.64 -19.60
N LEU B 8 51.37 41.55 -18.36
CA LEU B 8 52.28 41.44 -17.24
C LEU B 8 53.06 40.13 -17.29
N ASP B 9 52.38 39.01 -17.54
CA ASP B 9 53.07 37.73 -17.62
C ASP B 9 54.11 37.75 -18.72
N ALA B 10 53.82 38.41 -19.85
CA ALA B 10 54.80 38.46 -20.92
C ALA B 10 56.00 39.30 -20.54
N TRP B 11 55.75 40.49 -19.95
CA TRP B 11 56.85 41.31 -19.48
C TRP B 11 57.71 40.56 -18.47
N ILE B 12 57.08 39.88 -17.51
CA ILE B 12 57.81 39.11 -16.51
C ILE B 12 58.64 38.02 -17.17
N ASP B 13 58.07 37.29 -18.13
CA ASP B 13 58.81 36.22 -18.79
C ASP B 13 60.00 36.76 -19.57
N GLY B 14 59.85 37.92 -20.21
CA GLY B 14 60.99 38.54 -20.85
C GLY B 14 62.08 38.93 -19.86
N LEU B 15 61.68 39.47 -18.70
CA LEU B 15 62.65 39.72 -17.65
C LEU B 15 63.36 38.42 -17.24
N LEU B 16 62.59 37.35 -17.02
CA LEU B 16 63.15 36.10 -16.51
C LEU B 16 64.14 35.47 -17.47
N ALA B 17 64.00 35.77 -18.77
CA ALA B 17 64.89 35.27 -19.81
C ALA B 17 66.15 36.08 -19.93
N ASP B 18 66.30 37.16 -19.16
CA ASP B 18 67.52 37.95 -19.19
C ASP B 18 68.55 37.30 -18.28
N PRO B 19 69.64 36.75 -18.84
CA PRO B 19 70.58 35.99 -18.00
C PRO B 19 71.27 36.82 -16.94
N GLN B 20 71.21 38.16 -17.02
CA GLN B 20 71.93 38.93 -16.01
C GLN B 20 71.25 38.79 -14.65
N PHE B 21 69.95 38.48 -14.63
CA PHE B 21 69.22 38.30 -13.39
C PHE B 21 69.18 36.85 -12.91
N HIS B 22 69.63 35.91 -13.64
CA HIS B 22 69.60 34.60 -13.21
C HIS B 22 70.27 34.44 -11.91
N GLY B 23 69.72 33.67 -11.03
CA GLY B 23 70.26 33.46 -9.70
C GLY B 23 69.87 34.51 -8.68
N HIS B 24 69.59 35.72 -9.13
CA HIS B 24 69.14 36.79 -8.24
C HIS B 24 67.90 36.33 -7.46
N PRO B 25 67.79 36.70 -6.18
CA PRO B 25 66.61 36.26 -5.41
C PRO B 25 65.29 36.76 -5.98
N LEU B 26 65.27 37.97 -6.55
CA LEU B 26 64.02 38.47 -7.11
C LEU B 26 63.63 37.69 -8.37
N HIS B 27 64.64 37.23 -9.13
CA HIS B 27 64.40 36.32 -10.24
C HIS B 27 63.80 34.99 -9.76
N GLN B 28 64.37 34.41 -8.70
CA GLN B 28 63.81 33.19 -8.15
C GLN B 28 62.36 33.38 -7.76
N ALA B 29 62.04 34.51 -7.12
CA ALA B 29 60.68 34.67 -6.62
C ALA B 29 59.71 34.89 -7.77
N LEU B 30 60.13 35.65 -8.79
CA LEU B 30 59.33 35.82 -9.99
C LEU B 30 59.02 34.46 -10.63
N ALA B 31 60.04 33.61 -10.75
CA ALA B 31 59.84 32.30 -11.36
C ALA B 31 58.88 31.45 -10.53
N ARG B 32 59.03 31.48 -9.20
CA ARG B 32 58.17 30.70 -8.33
C ARG B 32 56.73 31.16 -8.42
N LEU B 33 56.50 32.47 -8.55
CA LEU B 33 55.14 32.97 -8.65
C LEU B 33 54.50 32.61 -10.00
N ARG B 34 55.26 32.71 -11.10
CA ARG B 34 54.73 32.25 -12.39
C ARG B 34 54.34 30.77 -12.33
N GLN B 35 55.25 29.94 -11.81
CA GLN B 35 54.98 28.52 -11.72
C GLN B 35 53.72 28.25 -10.87
N GLN B 36 53.61 28.91 -9.72
CA GLN B 36 52.43 28.74 -8.89
C GLN B 36 51.17 29.17 -9.63
N SER B 37 51.28 30.14 -10.54
CA SER B 37 50.10 30.53 -11.32
C SER B 37 49.66 29.41 -12.27
N LEU B 38 50.62 28.84 -13.00
CA LEU B 38 50.28 27.72 -13.88
C LEU B 38 49.65 26.58 -13.08
N GLU B 39 50.25 26.26 -11.93
CA GLU B 39 49.76 25.16 -11.09
C GLU B 39 48.35 25.41 -10.58
N GLN B 40 48.05 26.66 -10.19
CA GLN B 40 46.69 26.97 -9.75
C GLN B 40 45.70 26.81 -10.89
N LEU B 41 46.07 27.23 -12.10
CA LEU B 41 45.15 27.04 -13.22
C LEU B 41 44.89 25.54 -13.47
N VAL B 42 45.94 24.72 -13.40
CA VAL B 42 45.76 23.28 -13.58
C VAL B 42 44.87 22.71 -12.47
N ARG B 43 45.13 23.13 -11.23
CA ARG B 43 44.36 22.66 -10.10
C ARG B 43 42.89 23.04 -10.26
N LEU B 44 42.62 24.26 -10.75
CA LEU B 44 41.25 24.70 -10.97
C LEU B 44 40.56 23.85 -12.02
N GLU B 45 41.23 23.58 -13.15
CA GLU B 45 40.63 22.73 -14.18
C GLU B 45 40.19 21.40 -13.58
N ARG B 46 41.02 20.78 -12.79
CA ARG B 46 40.65 19.56 -12.18
C ARG B 46 39.54 19.67 -11.17
N ILE B 47 39.62 20.62 -10.28
CA ILE B 47 38.56 20.86 -9.30
C ILE B 47 37.21 20.99 -10.00
N ALA B 48 37.17 21.83 -11.04
CA ALA B 48 35.91 22.10 -11.72
C ALA B 48 35.37 20.85 -12.40
N ARG B 49 36.20 20.03 -12.95
CA ARG B 49 35.76 18.89 -13.57
C ARG B 49 35.17 17.92 -12.58
N ILE B 50 35.81 17.69 -11.45
CA ILE B 50 35.29 16.78 -10.43
C ILE B 50 33.99 17.32 -9.85
N SER B 51 33.93 18.63 -9.59
CA SER B 51 32.73 19.20 -9.00
C SER B 51 31.55 19.11 -9.96
N ASP B 52 31.78 19.46 -11.23
CA ASP B 52 30.78 19.26 -12.27
C ASP B 52 30.21 17.85 -12.24
N GLY B 53 31.09 16.85 -12.13
CA GLY B 53 30.62 15.47 -12.07
C GLY B 53 29.79 15.20 -10.83
N PHE B 54 30.20 15.76 -9.69
CA PHE B 54 29.43 15.59 -8.46
C PHE B 54 28.02 16.15 -8.60
N GLN B 55 27.91 17.36 -9.15
CA GLN B 55 26.58 17.92 -9.26
C GLN B 55 25.79 17.32 -10.41
N SER B 56 26.45 16.68 -11.38
CA SER B 56 25.72 15.90 -12.37
C SER B 56 25.07 14.70 -11.70
N MET B 57 25.83 13.99 -10.87
CA MET B 57 25.30 12.91 -10.06
C MET B 57 24.11 13.38 -9.22
N ALA B 58 24.27 14.51 -8.54
CA ALA B 58 23.16 15.02 -7.71
C ALA B 58 21.94 15.34 -8.55
N ARG B 59 22.14 15.92 -9.75
CA ARG B 59 21.02 16.24 -10.63
C ARG B 59 20.25 14.97 -11.01
N GLU B 60 20.98 13.91 -11.35
CA GLU B 60 20.31 12.67 -11.73
C GLU B 60 19.62 12.02 -10.53
N GLN B 61 20.21 12.15 -9.34
CA GLN B 61 19.58 11.58 -8.16
C GLN B 61 18.28 12.29 -7.85
N ASN B 62 18.24 13.61 -8.03
CA ASN B 62 17.00 14.33 -7.78
C ASN B 62 15.93 13.98 -8.81
N LEU B 63 16.31 13.84 -10.09
CA LEU B 63 15.34 13.43 -11.11
C LEU B 63 14.78 12.04 -10.81
N SER B 64 15.63 11.13 -10.33
CA SER B 64 15.17 9.79 -9.95
C SER B 64 14.22 9.83 -8.76
N LEU B 65 14.54 10.65 -7.75
CA LEU B 65 13.63 10.80 -6.62
C LEU B 65 12.30 11.41 -7.04
N SER B 66 12.32 12.30 -8.04
CA SER B 66 11.08 12.88 -8.54
C SER B 66 10.20 11.82 -9.19
N GLU B 67 10.79 11.01 -10.08
CA GLU B 67 10.06 9.91 -10.68
C GLU B 67 9.50 8.97 -9.61
N ARG B 68 10.32 8.61 -8.62
CA ARG B 68 9.86 7.76 -7.53
C ARG B 68 8.68 8.38 -6.81
N TYR B 69 8.69 9.69 -6.61
CA TYR B 69 7.62 10.35 -5.88
C TYR B 69 6.30 10.24 -6.63
N HIS B 70 6.32 10.44 -7.94
CA HIS B 70 5.06 10.37 -8.67
C HIS B 70 4.56 8.93 -8.82
N LYS B 71 5.48 7.98 -8.98
CA LYS B 71 5.08 6.58 -8.93
C LYS B 71 4.50 6.21 -7.56
N GLN B 72 4.98 6.84 -6.47
CA GLN B 72 4.37 6.61 -5.16
C GLN B 72 2.93 7.09 -5.14
N LEU B 73 2.66 8.26 -5.71
CA LEU B 73 1.28 8.76 -5.75
C LEU B 73 0.36 7.76 -6.44
N ARG B 74 0.75 7.32 -7.64
CA ARG B 74 -0.07 6.36 -8.37
C ARG B 74 -0.17 5.02 -7.62
N ARG B 75 0.87 4.61 -6.89
CA ARG B 75 0.79 3.33 -6.19
C ARG B 75 -0.22 3.38 -5.06
N LEU B 76 -0.27 4.51 -4.34
CA LEU B 76 -1.31 4.64 -3.32
C LEU B 76 -2.70 4.55 -3.94
N GLU B 77 -2.89 5.19 -5.11
CA GLU B 77 -4.22 5.08 -5.72
C GLU B 77 -4.55 3.64 -6.15
N LYS B 78 -3.56 2.90 -6.66
CA LYS B 78 -3.79 1.53 -7.09
C LYS B 78 -4.05 0.59 -5.90
N VAL B 79 -3.23 0.68 -4.86
CA VAL B 79 -3.49 -0.12 -3.66
C VAL B 79 -4.91 0.10 -3.17
N ALA B 80 -5.34 1.37 -3.06
CA ALA B 80 -6.69 1.65 -2.58
C ALA B 80 -7.76 1.07 -3.50
N ARG B 81 -7.58 1.18 -4.83
CA ARG B 81 -8.57 0.62 -5.75
C ARG B 81 -8.73 -0.89 -5.57
N ILE B 82 -7.62 -1.63 -5.58
CA ILE B 82 -7.71 -3.09 -5.44
C ILE B 82 -8.32 -3.47 -4.10
N SER B 83 -7.84 -2.84 -3.03
CA SER B 83 -8.38 -3.12 -1.70
C SER B 83 -9.88 -2.90 -1.67
N ASP B 84 -10.36 -1.78 -2.24
CA ASP B 84 -11.79 -1.51 -2.27
C ASP B 84 -12.55 -2.66 -2.91
N ARG B 85 -11.99 -3.25 -3.97
CA ARG B 85 -12.70 -4.36 -4.60
C ARG B 85 -12.75 -5.59 -3.69
N TYR B 86 -11.62 -5.92 -3.03
CA TYR B 86 -11.66 -7.00 -2.04
C TYR B 86 -12.74 -6.74 -0.99
N GLN B 87 -12.85 -5.49 -0.55
CA GLN B 87 -13.78 -5.18 0.51
C GLN B 87 -15.22 -5.23 0.00
N GLN B 88 -15.41 -5.01 -1.29
CA GLN B 88 -16.72 -5.21 -1.88
C GLN B 88 -17.14 -6.67 -1.73
N MET B 89 -16.21 -7.61 -1.92
CA MET B 89 -16.59 -9.00 -1.70
C MET B 89 -16.92 -9.27 -0.23
N MET B 90 -16.13 -8.69 0.67
CA MET B 90 -16.40 -8.87 2.10
C MET B 90 -17.76 -8.28 2.48
N ARG B 91 -18.16 -7.20 1.80
CA ARG B 91 -19.46 -6.59 2.04
C ARG B 91 -20.60 -7.47 1.51
N ASP B 92 -20.41 -8.08 0.33
CA ASP B 92 -21.47 -8.94 -0.16
C ASP B 92 -21.72 -10.09 0.81
N LEU B 93 -20.63 -10.64 1.35
CA LEU B 93 -20.76 -11.66 2.38
C LEU B 93 -21.53 -11.13 3.58
N ASN B 94 -21.15 -9.94 4.06
CA ASN B 94 -21.76 -9.37 5.26
C ASN B 94 -23.28 -9.20 5.09
N LEU B 95 -23.69 -8.64 3.95
CA LEU B 95 -25.12 -8.44 3.71
C LEU B 95 -25.85 -9.77 3.62
N ALA B 96 -25.26 -10.77 2.94
CA ALA B 96 -25.89 -12.08 2.89
C ALA B 96 -26.16 -12.60 4.29
N LEU B 97 -25.13 -12.61 5.17
CA LEU B 97 -25.34 -13.15 6.52
C LEU B 97 -26.39 -12.34 7.30
N LYS B 98 -26.30 -11.01 7.22
CA LYS B 98 -27.31 -10.19 7.87
C LYS B 98 -28.71 -10.64 7.48
N GLU B 99 -28.99 -10.71 6.18
CA GLU B 99 -30.33 -11.14 5.78
C GLU B 99 -30.62 -12.58 6.18
N ALA B 100 -29.57 -13.39 6.33
CA ALA B 100 -29.74 -14.78 6.72
C ALA B 100 -29.94 -14.96 8.21
N SER B 101 -29.92 -13.87 8.99
CA SER B 101 -30.12 -13.96 10.43
C SER B 101 -31.46 -13.40 10.89
N ILE B 102 -32.33 -12.97 9.98
CA ILE B 102 -33.68 -12.53 10.34
C ILE B 102 -34.59 -13.71 10.00
N ARG B 103 -34.27 -14.87 10.51
CA ARG B 103 -35.03 -16.06 10.18
C ARG B 103 -35.91 -16.45 11.36
N ASP B 104 -37.07 -17.00 11.03
CA ASP B 104 -37.93 -17.58 12.04
C ASP B 104 -37.09 -18.52 12.91
N PRO B 105 -36.89 -18.21 14.19
CA PRO B 105 -36.09 -19.09 15.07
C PRO B 105 -36.53 -20.55 15.05
N LEU B 106 -37.83 -20.83 14.92
CA LEU B 106 -38.28 -22.22 15.03
C LEU B 106 -37.99 -22.99 13.75
N THR B 107 -38.40 -22.47 12.60
CA THR B 107 -38.28 -23.22 11.35
C THR B 107 -37.07 -22.82 10.52
N GLY B 108 -36.44 -21.69 10.80
CA GLY B 108 -35.34 -21.25 9.97
C GLY B 108 -35.74 -20.61 8.66
N LEU B 109 -37.03 -20.51 8.38
CA LEU B 109 -37.53 -19.85 7.19
C LEU B 109 -37.51 -18.35 7.37
N PRO B 110 -37.50 -17.59 6.26
CA PRO B 110 -37.80 -16.15 6.33
C PRO B 110 -39.09 -15.89 7.08
N ASN B 111 -39.12 -14.87 7.84
CA ASN B 111 -40.24 -14.47 8.56
C ASN B 111 -41.12 -13.51 7.85
N ARG B 112 -42.11 -13.03 8.50
CA ARG B 112 -43.04 -12.16 7.95
C ARG B 112 -42.44 -10.89 7.45
N ARG B 113 -41.55 -10.32 8.15
CA ARG B 113 -40.88 -9.22 7.75
C ARG B 113 -40.11 -9.43 6.57
N MET B 114 -39.35 -10.49 6.45
CA MET B 114 -38.65 -10.72 5.25
C MET B 114 -39.60 -10.99 4.11
N LEU B 115 -40.74 -11.55 4.39
CA LEU B 115 -41.77 -11.81 3.38
C LEU B 115 -42.32 -10.50 2.84
N LEU B 116 -42.67 -9.57 3.72
CA LEU B 116 -43.13 -8.24 3.31
C LEU B 116 -42.08 -7.53 2.46
N GLU B 117 -40.81 -7.60 2.87
CA GLU B 117 -39.75 -6.92 2.13
C GLU B 117 -39.64 -7.48 0.71
N ARG B 118 -39.70 -8.75 0.53
CA ARG B 118 -39.70 -9.31 -0.77
C ARG B 118 -40.92 -9.06 -1.54
N LEU B 119 -41.99 -9.05 -0.87
CA LEU B 119 -43.23 -8.77 -1.56
C LEU B 119 -43.19 -7.38 -2.19
N ARG B 120 -42.68 -6.40 -1.45
CA ARG B 120 -42.57 -5.06 -2.00
C ARG B 120 -41.57 -5.03 -3.17
N GLU B 121 -40.44 -5.74 -3.01
CA GLU B 121 -39.44 -5.75 -4.09
C GLU B 121 -39.97 -6.42 -5.34
N GLU B 122 -40.76 -7.48 -5.18
CA GLU B 122 -41.35 -8.13 -6.35
C GLU B 122 -42.48 -7.30 -6.95
N ASN B 123 -43.19 -6.50 -6.13
CA ASN B 123 -44.15 -5.56 -6.69
C ASN B 123 -43.47 -4.55 -7.61
N GLU B 124 -42.34 -4.02 -7.23
CA GLU B 124 -41.64 -3.13 -8.08
C GLU B 124 -41.08 -3.79 -9.33
N ARG B 125 -40.51 -4.91 -9.24
CA ARG B 125 -40.07 -5.61 -10.44
C ARG B 125 -41.27 -6.04 -11.30
N SER B 126 -42.46 -6.20 -10.72
CA SER B 126 -43.66 -6.46 -11.50
C SER B 126 -44.02 -5.29 -12.40
N GLN B 127 -43.60 -4.08 -12.02
CA GLN B 127 -43.71 -2.94 -12.93
C GLN B 127 -42.60 -2.97 -13.97
N ARG B 128 -41.34 -2.84 -13.52
CA ARG B 128 -40.29 -2.42 -14.46
C ARG B 128 -40.00 -3.45 -15.55
N HIS B 129 -40.12 -4.75 -15.24
CA HIS B 129 -39.90 -5.85 -16.19
C HIS B 129 -41.22 -6.45 -16.68
N GLY B 130 -42.31 -6.24 -15.93
CA GLY B 130 -43.64 -6.58 -16.38
C GLY B 130 -44.08 -8.01 -16.11
N GLN B 131 -43.17 -8.90 -15.73
CA GLN B 131 -43.56 -10.26 -15.36
C GLN B 131 -43.96 -10.28 -13.89
N SER B 132 -45.18 -10.76 -13.62
CA SER B 132 -45.68 -10.82 -12.27
C SER B 132 -45.19 -12.10 -11.58
N TYR B 133 -45.62 -12.28 -10.35
CA TYR B 133 -45.25 -13.42 -9.52
C TYR B 133 -46.50 -14.18 -9.10
N VAL B 134 -46.28 -15.42 -8.67
CA VAL B 134 -47.35 -16.25 -8.12
C VAL B 134 -47.23 -16.25 -6.60
N LEU B 135 -48.37 -16.13 -5.92
CA LEU B 135 -48.43 -16.10 -4.47
C LEU B 135 -49.34 -17.22 -3.98
N ALA B 136 -48.80 -18.11 -3.15
CA ALA B 136 -49.55 -19.17 -2.51
C ALA B 136 -49.53 -19.00 -1.01
N MET B 137 -50.68 -19.14 -0.37
CA MET B 137 -50.81 -19.16 1.08
C MET B 137 -51.12 -20.59 1.49
N LEU B 138 -50.30 -21.14 2.39
CA LEU B 138 -50.37 -22.54 2.75
C LEU B 138 -50.65 -22.67 4.25
N ASP B 139 -51.54 -23.58 4.62
CA ASP B 139 -51.94 -23.73 6.02
C ASP B 139 -52.04 -25.21 6.37
N VAL B 140 -51.49 -25.58 7.53
CA VAL B 140 -51.58 -26.96 7.99
C VAL B 140 -53.01 -27.25 8.44
N ASP B 141 -53.57 -28.35 7.93
CA ASP B 141 -54.93 -28.72 8.29
C ASP B 141 -54.95 -29.29 9.69
N PHE B 142 -55.94 -28.85 10.48
CA PHE B 142 -56.20 -29.46 11.79
C PHE B 142 -54.96 -29.42 12.68
N PHE B 143 -54.15 -28.37 12.51
CA PHE B 143 -52.97 -28.23 13.34
C PHE B 143 -53.33 -28.22 14.82
N LYS B 144 -54.45 -27.58 15.16
CA LYS B 144 -54.88 -27.56 16.56
C LYS B 144 -55.10 -28.99 17.06
N GLN B 145 -55.46 -29.89 16.25
CA GLN B 145 -55.58 -31.19 16.73
C GLN B 145 -54.24 -31.72 17.03
N VAL B 146 -53.26 -31.53 16.19
CA VAL B 146 -51.89 -31.98 16.48
C VAL B 146 -51.44 -31.46 17.84
N ASN B 147 -51.67 -30.17 18.10
CA ASN B 147 -51.19 -29.57 19.34
C ASN B 147 -51.93 -30.13 20.56
N ASP B 148 -53.26 -30.26 20.45
CA ASP B 148 -54.06 -30.80 21.55
C ASP B 148 -53.70 -32.25 21.84
N THR B 149 -53.59 -33.07 20.79
CA THR B 149 -53.32 -34.48 21.01
C THR B 149 -51.91 -34.72 21.50
N TRP B 150 -51.00 -34.27 20.70
CA TRP B 150 -49.67 -34.46 20.94
C TRP B 150 -48.84 -33.46 21.64
N GLY B 151 -49.31 -32.27 21.81
CA GLY B 151 -48.55 -31.25 22.44
C GLY B 151 -47.94 -30.28 21.55
N HIS B 152 -47.66 -29.13 22.06
CA HIS B 152 -47.04 -28.06 21.35
C HIS B 152 -45.72 -28.31 20.86
N ASP B 153 -44.93 -29.10 21.53
CA ASP B 153 -43.63 -29.51 21.16
C ASP B 153 -43.69 -30.26 19.92
N SER B 154 -44.62 -31.11 19.78
CA SER B 154 -44.88 -31.87 18.67
C SER B 154 -45.33 -31.13 17.48
N GLY B 155 -46.18 -30.18 17.67
CA GLY B 155 -46.67 -29.33 16.67
C GLY B 155 -45.64 -28.50 16.05
N ASP B 156 -44.76 -28.04 16.84
CA ASP B 156 -43.65 -27.32 16.49
C ASP B 156 -42.73 -28.05 15.68
N ARG B 157 -42.51 -29.29 15.92
CA ARG B 157 -41.72 -30.16 15.14
C ARG B 157 -42.25 -30.48 13.83
N VAL B 158 -43.52 -30.55 13.69
CA VAL B 158 -44.21 -30.76 12.48
C VAL B 158 -43.99 -29.59 11.62
N LEU B 159 -44.02 -28.41 12.13
CA LEU B 159 -43.70 -27.23 11.42
C LEU B 159 -42.29 -27.16 11.00
N VAL B 160 -41.35 -27.62 11.77
CA VAL B 160 -39.94 -27.60 11.36
C VAL B 160 -39.74 -28.52 10.17
N GLU B 161 -40.39 -29.68 10.19
CA GLU B 161 -40.22 -30.65 9.13
C GLU B 161 -41.01 -30.27 7.87
N ILE B 162 -42.16 -29.62 8.05
CA ILE B 162 -42.88 -29.06 6.92
C ILE B 162 -42.02 -28.00 6.22
N ALA B 163 -41.31 -27.18 7.01
CA ALA B 163 -40.40 -26.21 6.42
C ALA B 163 -39.33 -26.90 5.60
N ARG B 164 -38.72 -27.94 6.17
CA ARG B 164 -37.72 -28.74 5.44
C ARG B 164 -38.26 -29.24 4.10
N ALA B 165 -39.47 -29.77 4.12
CA ALA B 165 -40.01 -30.45 2.94
C ALA B 165 -40.37 -29.46 1.85
N MET B 166 -41.05 -28.36 2.21
CA MET B 166 -41.36 -27.31 1.24
C MET B 166 -40.11 -26.69 0.66
N GLU B 167 -39.13 -26.34 1.50
CA GLU B 167 -37.89 -25.78 0.96
C GLU B 167 -37.24 -26.72 -0.05
N SER B 168 -37.32 -28.04 0.20
CA SER B 168 -36.66 -28.98 -0.70
C SER B 168 -37.27 -29.00 -2.09
N GLU B 169 -38.51 -28.55 -2.26
CA GLU B 169 -39.19 -28.67 -3.55
C GLU B 169 -39.26 -27.37 -4.34
N LEU B 170 -38.54 -26.33 -3.94
CA LEU B 170 -38.60 -25.05 -4.62
C LEU B 170 -37.48 -24.92 -5.64
N ARG B 171 -37.76 -24.17 -6.71
CA ARG B 171 -36.74 -23.81 -7.68
C ARG B 171 -35.84 -22.72 -7.13
N GLU B 172 -34.90 -22.25 -7.97
CA GLU B 172 -33.78 -21.47 -7.47
C GLU B 172 -34.21 -20.11 -6.91
N TYR B 173 -35.12 -19.43 -7.58
CA TYR B 173 -35.48 -18.08 -7.17
C TYR B 173 -36.81 -18.03 -6.41
N ASP B 174 -37.43 -19.18 -6.16
CA ASP B 174 -38.65 -19.21 -5.37
C ASP B 174 -38.34 -18.92 -3.90
N LEU B 175 -39.37 -18.54 -3.16
CA LEU B 175 -39.19 -18.15 -1.77
C LEU B 175 -40.28 -18.74 -0.90
N CYS B 176 -39.87 -19.30 0.23
CA CYS B 176 -40.79 -19.91 1.18
C CYS B 176 -40.60 -19.26 2.55
N GLY B 177 -41.69 -18.77 3.13
CA GLY B 177 -41.61 -18.08 4.40
C GLY B 177 -42.72 -18.51 5.33
N ARG B 178 -42.48 -18.27 6.61
CA ARG B 178 -43.49 -18.50 7.63
C ARG B 178 -44.23 -17.18 7.86
N TRP B 179 -45.47 -17.14 7.41
CA TRP B 179 -46.29 -15.96 7.60
C TRP B 179 -46.66 -15.78 9.06
N GLY B 180 -47.03 -16.88 9.73
CA GLY B 180 -47.33 -16.85 11.14
C GLY B 180 -48.16 -18.03 11.59
N GLY B 181 -47.98 -18.48 12.83
CA GLY B 181 -48.67 -19.69 13.27
C GLY B 181 -48.32 -20.83 12.34
N GLU B 182 -49.34 -21.59 11.95
CA GLU B 182 -49.17 -22.69 11.01
C GLU B 182 -49.30 -22.25 9.56
N GLU B 183 -49.18 -20.96 9.29
CA GLU B 183 -49.41 -20.39 7.96
C GLU B 183 -48.09 -19.98 7.32
N PHE B 184 -47.87 -20.44 6.09
CA PHE B 184 -46.68 -20.17 5.32
C PHE B 184 -47.09 -19.47 4.03
N LEU B 185 -46.13 -18.77 3.45
CA LEU B 185 -46.34 -18.03 2.21
C LEU B 185 -45.28 -18.47 1.23
N LEU B 186 -45.72 -18.77 0.01
CA LEU B 186 -44.84 -19.20 -1.07
C LEU B 186 -44.91 -18.16 -2.17
N LEU B 187 -43.75 -17.78 -2.68
CA LEU B 187 -43.64 -16.71 -3.66
C LEU B 187 -42.78 -17.20 -4.81
N LEU B 188 -43.37 -17.24 -6.01
CA LEU B 188 -42.65 -17.68 -7.21
C LEU B 188 -42.48 -16.48 -8.13
N PRO B 189 -41.31 -15.86 -8.16
CA PRO B 189 -41.15 -14.65 -8.97
C PRO B 189 -41.04 -14.98 -10.45
N GLN B 190 -41.59 -14.07 -11.27
CA GLN B 190 -41.50 -14.16 -12.73
C GLN B 190 -42.07 -15.48 -13.24
N THR B 191 -43.20 -15.89 -12.68
CA THR B 191 -43.89 -17.12 -13.02
C THR B 191 -45.37 -16.79 -13.21
N ARG B 192 -46.11 -17.67 -13.90
CA ARG B 192 -47.56 -17.53 -14.09
C ARG B 192 -48.23 -18.90 -13.94
N LEU B 193 -49.44 -18.89 -13.36
CA LEU B 193 -50.13 -20.06 -12.79
C LEU B 193 -49.87 -21.40 -13.46
N GLN B 194 -49.83 -21.41 -14.80
CA GLN B 194 -49.67 -22.66 -15.53
C GLN B 194 -48.33 -23.31 -15.22
N ASP B 195 -47.26 -22.51 -15.15
CA ASP B 195 -45.96 -23.01 -14.68
C ASP B 195 -45.99 -23.33 -13.19
N ALA B 196 -46.90 -22.70 -12.43
CA ALA B 196 -46.88 -22.84 -10.98
C ALA B 196 -47.39 -24.20 -10.55
N GLY B 197 -48.51 -24.64 -11.13
CA GLY B 197 -49.16 -25.89 -10.76
C GLY B 197 -48.25 -27.07 -10.42
N PRO B 198 -47.30 -27.41 -11.31
CA PRO B 198 -46.37 -28.51 -10.99
C PRO B 198 -45.60 -28.32 -9.70
N VAL B 199 -44.97 -27.15 -9.50
CA VAL B 199 -44.21 -26.91 -8.28
C VAL B 199 -45.12 -26.97 -7.06
N LEU B 200 -46.33 -26.43 -7.16
CA LEU B 200 -47.22 -26.43 -6.01
C LEU B 200 -47.72 -27.84 -5.68
N GLU B 201 -47.94 -28.65 -6.71
CA GLU B 201 -48.24 -30.04 -6.48
C GLU B 201 -47.10 -30.73 -5.75
N ARG B 202 -45.86 -30.48 -6.19
CA ARG B 202 -44.69 -31.06 -5.54
C ARG B 202 -44.60 -30.64 -4.07
N VAL B 203 -44.94 -29.37 -3.78
CA VAL B 203 -44.85 -28.88 -2.39
C VAL B 203 -45.92 -29.53 -1.53
N ARG B 204 -47.07 -29.74 -2.04
CA ARG B 204 -48.03 -30.45 -1.28
C ARG B 204 -47.64 -31.92 -1.14
N ASP B 205 -47.13 -32.45 -2.14
CA ASP B 205 -46.65 -33.81 -1.99
C ASP B 205 -45.71 -33.90 -0.80
N SER B 206 -44.68 -33.05 -0.79
CA SER B 206 -43.66 -33.12 0.25
C SER B 206 -44.25 -32.93 1.63
N VAL B 207 -45.33 -32.16 1.77
CA VAL B 207 -45.98 -32.12 3.07
C VAL B 207 -46.75 -33.41 3.34
N ARG B 208 -47.44 -33.91 2.31
CA ARG B 208 -48.27 -35.11 2.42
C ARG B 208 -47.46 -36.31 2.89
N THR B 209 -46.28 -36.52 2.31
CA THR B 209 -45.52 -37.74 2.55
C THR B 209 -44.62 -37.65 3.77
N LEU B 210 -44.67 -36.55 4.49
CA LEU B 210 -43.98 -36.45 5.76
C LEU B 210 -44.59 -37.46 6.71
N ALA B 211 -43.73 -38.04 7.56
CA ALA B 211 -44.12 -39.05 8.56
C ALA B 211 -43.41 -38.69 9.86
N VAL B 212 -43.95 -37.73 10.59
CA VAL B 212 -43.17 -37.10 11.66
C VAL B 212 -43.31 -37.93 12.94
N ARG B 213 -42.18 -38.38 13.47
CA ARG B 213 -42.20 -39.21 14.67
C ARG B 213 -42.60 -38.41 15.91
N VAL B 214 -43.48 -38.98 16.73
CA VAL B 214 -43.65 -38.60 18.13
C VAL B 214 -43.49 -39.89 18.94
N GLY B 215 -42.42 -39.96 19.72
CA GLY B 215 -42.03 -41.20 20.35
C GLY B 215 -41.97 -42.34 19.34
N THR B 216 -42.91 -43.27 19.45
CA THR B 216 -42.94 -44.46 18.62
C THR B 216 -44.10 -44.46 17.61
N GLU B 217 -44.88 -43.39 17.54
CA GLU B 217 -45.91 -43.19 16.53
C GLU B 217 -45.41 -42.23 15.44
N ALA B 218 -46.02 -42.32 14.26
CA ALA B 218 -45.71 -41.44 13.13
C ALA B 218 -46.95 -40.66 12.72
N LEU B 219 -46.80 -39.34 12.61
CA LEU B 219 -47.89 -38.44 12.26
C LEU B 219 -47.95 -38.25 10.75
N SER B 220 -49.17 -38.09 10.25
CA SER B 220 -49.42 -37.68 8.88
C SER B 220 -50.20 -36.38 8.91
N VAL B 221 -49.76 -35.40 8.13
CA VAL B 221 -50.46 -34.13 8.07
C VAL B 221 -50.66 -33.76 6.61
N THR B 222 -51.57 -32.81 6.40
CA THR B 222 -51.84 -32.27 5.09
C THR B 222 -51.92 -30.76 5.18
N ALA B 223 -51.84 -30.13 4.01
CA ALA B 223 -51.95 -28.68 3.89
C ALA B 223 -53.00 -28.29 2.86
N SER B 224 -53.78 -27.26 3.20
CA SER B 224 -54.58 -26.53 2.24
C SER B 224 -53.75 -25.37 1.69
N VAL B 225 -54.05 -24.96 0.46
CA VAL B 225 -53.27 -23.87 -0.14
C VAL B 225 -54.17 -23.08 -1.09
N GLY B 226 -54.04 -21.76 -1.03
CA GLY B 226 -54.70 -20.84 -1.96
C GLY B 226 -53.68 -20.16 -2.84
N VAL B 227 -53.99 -20.05 -4.13
CA VAL B 227 -53.04 -19.57 -5.12
C VAL B 227 -53.64 -18.41 -5.88
N THR B 228 -52.80 -17.43 -6.24
CA THR B 228 -53.18 -16.45 -7.24
C THR B 228 -51.94 -15.86 -7.88
N GLU B 229 -52.27 -14.84 -8.59
CA GLU B 229 -51.30 -14.08 -9.36
C GLU B 229 -51.33 -12.66 -9.09
N HIS B 230 -50.19 -12.03 -9.17
CA HIS B 230 -50.12 -10.63 -8.94
C HIS B 230 -50.60 -9.89 -10.10
N ARG B 231 -51.53 -9.06 -9.80
CA ARG B 231 -52.14 -8.19 -10.70
C ARG B 231 -51.52 -6.87 -10.42
N ILE B 232 -50.64 -6.49 -11.30
CA ILE B 232 -49.79 -5.31 -11.21
C ILE B 232 -50.39 -3.96 -10.93
N GLY B 233 -49.81 -3.25 -10.01
CA GLY B 233 -50.30 -2.02 -9.59
C GLY B 233 -51.02 -2.17 -8.32
N GLU B 234 -51.53 -3.33 -8.04
CA GLU B 234 -52.06 -3.41 -6.72
C GLU B 234 -50.92 -3.74 -5.89
N THR B 235 -51.20 -3.43 -4.70
CA THR B 235 -50.41 -3.61 -3.62
C THR B 235 -50.23 -5.07 -3.33
N TYR B 236 -49.12 -5.38 -2.67
CA TYR B 236 -48.89 -6.74 -2.26
C TYR B 236 -49.99 -7.18 -1.39
N SER B 237 -50.53 -6.33 -0.60
CA SER B 237 -51.52 -6.62 0.33
C SER B 237 -52.71 -7.09 -0.22
N GLN B 238 -53.11 -6.53 -1.35
CA GLN B 238 -54.26 -6.96 -2.00
C GLN B 238 -54.11 -8.29 -2.56
N THR B 239 -52.96 -8.58 -3.06
CA THR B 239 -52.64 -9.85 -3.55
C THR B 239 -52.63 -10.88 -2.53
N VAL B 240 -52.21 -10.59 -1.33
CA VAL B 240 -52.23 -11.53 -0.26
C VAL B 240 -53.59 -11.90 0.09
N ASN B 241 -54.45 -10.96 0.12
CA ASN B 241 -55.78 -11.14 0.46
C ASN B 241 -56.53 -12.00 -0.47
N ARG B 242 -56.22 -11.88 -1.69
CA ARG B 242 -56.80 -12.80 -2.66
C ARG B 242 -56.31 -14.23 -2.45
N ALA B 243 -55.00 -14.40 -2.20
CA ALA B 243 -54.49 -15.73 -1.87
C ALA B 243 -55.15 -16.28 -0.61
N ASP B 244 -55.40 -15.41 0.37
CA ASP B 244 -56.02 -15.83 1.63
C ASP B 244 -57.45 -16.29 1.41
N ALA B 245 -58.23 -15.54 0.62
CA ALA B 245 -59.57 -15.96 0.27
C ALA B 245 -59.58 -17.29 -0.47
N ALA B 246 -58.65 -17.46 -1.42
CA ALA B 246 -58.51 -18.76 -2.06
C ALA B 246 -58.26 -19.87 -1.04
N LEU B 247 -57.34 -19.65 -0.09
CA LEU B 247 -57.04 -20.68 0.90
C LEU B 247 -58.29 -21.02 1.72
N LEU B 248 -59.00 -19.99 2.18
CA LEU B 248 -60.24 -20.21 2.92
C LEU B 248 -61.23 -21.05 2.10
N ASP B 249 -61.25 -20.85 0.77
CA ASP B 249 -62.11 -21.66 -0.08
C ASP B 249 -61.68 -23.12 -0.11
N ALA B 250 -60.36 -23.36 -0.19
CA ALA B 250 -59.85 -24.72 -0.13
C ALA B 250 -60.24 -25.41 1.17
N LYS B 251 -60.18 -24.68 2.29
CA LYS B 251 -60.61 -25.26 3.55
C LYS B 251 -62.11 -25.53 3.56
N ARG B 252 -62.90 -24.63 2.95
CA ARG B 252 -64.34 -24.83 2.88
C ARG B 252 -64.69 -26.14 2.18
N SER B 253 -63.97 -26.46 1.11
CA SER B 253 -64.20 -27.66 0.31
C SER B 253 -63.40 -28.84 0.81
N GLY B 254 -63.31 -29.06 2.11
CA GLY B 254 -62.55 -30.17 2.63
C GLY B 254 -61.11 -29.86 3.00
N ARG B 255 -60.26 -30.88 2.99
CA ARG B 255 -58.88 -30.75 3.43
C ARG B 255 -57.95 -31.31 2.36
N ASP B 256 -56.69 -30.88 2.41
CA ASP B 256 -55.67 -31.29 1.45
C ASP B 256 -55.97 -30.75 0.05
N LYS B 257 -56.65 -29.61 -0.03
CA LYS B 257 -57.11 -29.03 -1.31
C LYS B 257 -56.29 -27.80 -1.69
N CYS B 258 -56.35 -27.47 -2.99
CA CYS B 258 -55.62 -26.34 -3.58
C CYS B 258 -56.54 -25.67 -4.61
N VAL B 259 -57.13 -24.52 -4.25
CA VAL B 259 -57.95 -23.76 -5.19
C VAL B 259 -57.16 -22.56 -5.70
N PHE B 260 -57.36 -22.24 -6.96
CA PHE B 260 -56.79 -21.06 -7.59
C PHE B 260 -57.82 -19.94 -7.57
N ALA B 261 -57.32 -18.70 -7.70
CA ALA B 261 -58.18 -17.51 -7.72
C ALA B 261 -57.62 -16.44 -8.67
N SER C 3 18.88 -22.61 3.17
CA SER C 3 18.48 -21.21 2.98
C SER C 3 17.04 -21.11 2.43
N ASP C 4 16.24 -22.15 2.67
CA ASP C 4 14.83 -22.14 2.31
C ASP C 4 14.07 -21.13 3.17
N LEU C 5 12.81 -20.90 2.82
CA LEU C 5 11.94 -20.06 3.64
C LEU C 5 10.63 -20.80 3.88
N HIS C 6 10.30 -21.02 5.15
CA HIS C 6 9.08 -21.71 5.53
C HIS C 6 8.33 -20.87 6.56
N ILE C 7 7.13 -20.44 6.19
CA ILE C 7 6.23 -19.75 7.11
C ILE C 7 4.92 -20.55 7.13
N PRO C 8 4.61 -21.22 8.24
CA PRO C 8 3.36 -22.01 8.29
C PRO C 8 2.13 -21.12 8.27
N GLY C 9 1.11 -21.57 7.55
CA GLY C 9 -0.08 -20.75 7.32
C GLY C 9 -1.14 -20.86 8.40
N THR C 10 -1.30 -19.82 9.22
CA THR C 10 -2.28 -19.79 10.29
C THR C 10 -3.67 -19.48 9.76
N GLN C 11 -4.61 -19.24 10.67
CA GLN C 11 -5.98 -18.90 10.30
C GLN C 11 -6.01 -17.56 9.55
N SER C 12 -5.22 -16.59 9.99
CA SER C 12 -5.26 -15.24 9.48
C SER C 12 -4.06 -14.85 8.61
N THR C 13 -3.10 -15.75 8.40
CA THR C 13 -1.92 -15.42 7.63
C THR C 13 -1.60 -16.57 6.67
N PRO C 14 -1.05 -16.28 5.51
CA PRO C 14 -0.90 -17.31 4.48
C PRO C 14 0.33 -18.19 4.71
N ALA C 15 0.24 -19.38 4.12
CA ALA C 15 1.34 -20.35 4.11
C ALA C 15 2.29 -20.01 2.97
N ILE C 16 3.58 -19.86 3.31
CA ILE C 16 4.57 -19.37 2.35
C ILE C 16 5.78 -20.31 2.35
N GLN C 17 6.11 -20.84 1.18
CA GLN C 17 7.28 -21.70 0.98
C GLN C 17 8.13 -21.09 -0.13
N GLY C 18 9.31 -20.61 0.24
CA GLY C 18 10.37 -20.30 -0.70
C GLY C 18 11.31 -21.49 -0.82
N ASP C 19 11.17 -22.20 -1.94
CA ASP C 19 12.03 -23.33 -2.29
C ASP C 19 13.22 -22.79 -3.09
N TRP C 20 14.42 -22.88 -2.49
CA TRP C 20 15.57 -22.17 -3.04
C TRP C 20 16.03 -22.80 -4.36
N GLN C 21 16.33 -24.09 -4.37
CA GLN C 21 16.89 -24.61 -5.61
C GLN C 21 15.81 -24.98 -6.63
N ALA C 22 14.58 -25.19 -6.17
CA ALA C 22 13.49 -25.27 -7.14
C ALA C 22 13.18 -23.90 -7.74
N GLY C 23 13.58 -22.82 -7.06
CA GLY C 23 13.40 -21.47 -7.53
C GLY C 23 11.95 -21.04 -7.53
N ARG C 24 11.23 -21.36 -6.45
CA ARG C 24 9.78 -21.18 -6.46
C ARG C 24 9.30 -20.59 -5.15
N LEU C 25 8.60 -19.47 -5.23
CA LEU C 25 7.89 -18.88 -4.09
C LEU C 25 6.43 -19.23 -4.22
N SER C 26 5.88 -19.89 -3.20
CA SER C 26 4.48 -20.33 -3.23
C SER C 26 3.78 -19.83 -1.98
N MET C 27 2.58 -19.27 -2.16
CA MET C 27 1.79 -18.76 -1.05
C MET C 27 0.33 -19.20 -1.20
N GLN C 28 -0.29 -19.60 -0.08
CA GLN C 28 -1.66 -20.11 -0.06
C GLN C 28 -2.42 -19.51 1.11
N GLY C 29 -3.62 -18.99 0.85
CA GLY C 29 -4.57 -18.73 1.93
C GLY C 29 -4.99 -17.27 2.05
N ASP C 30 -5.73 -16.99 3.12
CA ASP C 30 -6.16 -15.64 3.47
C ASP C 30 -4.98 -14.89 4.08
N SER C 31 -5.02 -13.55 3.96
CA SER C 31 -3.93 -12.72 4.49
C SER C 31 -4.52 -11.50 5.20
N TYR C 32 -4.78 -11.65 6.52
CA TYR C 32 -5.25 -10.58 7.37
C TYR C 32 -4.23 -10.21 8.44
N PRO C 33 -2.94 -10.10 8.10
CA PRO C 33 -1.91 -10.06 9.15
C PRO C 33 -2.04 -8.83 10.04
N GLU C 34 -1.89 -9.07 11.35
CA GLU C 34 -1.93 -8.00 12.34
C GLU C 34 -0.73 -7.07 12.20
N ASN C 35 0.46 -7.62 11.97
CA ASN C 35 1.67 -6.84 11.70
C ASN C 35 2.21 -7.32 10.36
N SER C 36 2.00 -6.52 9.31
CA SER C 36 2.32 -6.95 7.96
C SER C 36 3.82 -6.95 7.71
N TYR C 37 4.54 -6.01 8.32
CA TYR C 37 6.00 -5.97 8.23
C TYR C 37 6.61 -7.31 8.62
N GLU C 38 6.28 -7.80 9.81
CA GLU C 38 6.88 -9.04 10.30
C GLU C 38 6.70 -10.18 9.30
N LEU C 39 5.52 -10.27 8.70
CA LEU C 39 5.22 -11.36 7.78
C LEU C 39 5.92 -11.19 6.44
N PHE C 40 5.75 -10.02 5.80
CA PHE C 40 6.21 -9.90 4.43
C PHE C 40 7.64 -9.41 4.29
N GLY C 41 8.28 -8.95 5.37
CA GLY C 41 9.63 -8.45 5.25
C GLY C 41 10.61 -9.57 4.99
N GLN C 42 10.36 -10.73 5.60
CA GLN C 42 11.21 -11.87 5.30
C GLN C 42 10.94 -12.40 3.89
N VAL C 43 9.69 -12.32 3.41
CA VAL C 43 9.42 -12.71 2.03
C VAL C 43 10.14 -11.79 1.06
N ILE C 44 10.10 -10.49 1.31
CA ILE C 44 10.75 -9.56 0.40
C ILE C 44 12.26 -9.75 0.45
N ASP C 45 12.82 -9.96 1.66
CA ASP C 45 14.24 -10.25 1.78
C ASP C 45 14.62 -11.55 1.07
N TRP C 46 13.81 -12.60 1.18
CA TRP C 46 14.09 -13.85 0.48
C TRP C 46 14.09 -13.65 -1.03
N VAL C 47 13.07 -12.95 -1.54
CA VAL C 47 13.02 -12.67 -2.96
C VAL C 47 14.25 -11.89 -3.40
N GLU C 48 14.68 -10.91 -2.60
CA GLU C 48 15.83 -10.09 -2.96
C GLU C 48 17.12 -10.91 -2.94
N ARG C 49 17.29 -11.74 -1.91
CA ARG C 49 18.40 -12.68 -1.85
C ARG C 49 18.43 -13.55 -3.11
N PHE C 50 17.28 -14.10 -3.52
CA PHE C 50 17.28 -14.99 -4.67
C PHE C 50 17.63 -14.24 -5.96
N LEU C 51 17.10 -13.04 -6.13
CA LEU C 51 17.40 -12.31 -7.36
C LEU C 51 18.85 -11.80 -7.40
N ALA C 52 19.49 -11.63 -6.24
CA ALA C 52 20.88 -11.19 -6.19
C ALA C 52 21.89 -12.33 -6.28
N ASP C 53 21.54 -13.51 -5.75
CA ASP C 53 22.51 -14.59 -5.54
C ASP C 53 23.03 -15.18 -6.85
N GLY C 54 22.32 -14.97 -7.95
CA GLY C 54 22.74 -15.50 -9.23
C GLY C 54 21.77 -15.09 -10.31
N GLN C 55 21.39 -16.08 -11.10
CA GLN C 55 20.50 -15.96 -12.25
C GLN C 55 19.52 -17.11 -12.55
N ARG C 56 19.27 -17.92 -11.61
CA ARG C 56 18.35 -18.93 -11.87
C ARG C 56 16.95 -18.37 -11.94
N PRO C 57 16.07 -18.98 -12.63
CA PRO C 57 14.78 -18.31 -12.77
C PRO C 57 13.92 -18.47 -11.53
N LEU C 58 13.03 -17.50 -11.33
CA LEU C 58 12.12 -17.48 -10.19
C LEU C 58 10.69 -17.61 -10.67
N GLU C 59 9.96 -18.43 -9.98
CA GLU C 59 8.60 -18.60 -10.24
C GLU C 59 7.76 -18.40 -9.05
N LEU C 60 6.75 -17.55 -9.12
CA LEU C 60 5.73 -17.40 -8.10
C LEU C 60 4.53 -18.27 -8.47
N ASP C 61 4.03 -19.00 -7.52
CA ASP C 61 2.87 -19.81 -7.65
C ASP C 61 1.96 -19.52 -6.52
N LEU C 62 0.90 -18.82 -6.77
CA LEU C 62 0.02 -18.38 -5.73
C LEU C 62 -1.39 -18.91 -5.61
N ARG C 63 -1.79 -19.24 -4.41
CA ARG C 63 -3.12 -19.69 -4.13
C ARG C 63 -3.63 -18.92 -2.97
N LEU C 64 -3.84 -17.68 -3.21
CA LEU C 64 -4.26 -16.76 -2.25
C LEU C 64 -5.67 -16.43 -2.30
N LEU C 65 -6.18 -16.15 -1.14
CA LEU C 65 -7.52 -15.81 -0.97
C LEU C 65 -7.79 -14.37 -0.62
N TYR C 66 -8.31 -14.04 0.51
CA TYR C 66 -8.52 -12.64 0.81
C TYR C 66 -7.30 -11.95 1.21
N LEU C 67 -7.14 -10.75 0.75
CA LEU C 67 -5.94 -9.95 0.94
C LEU C 67 -6.34 -8.60 1.51
N ASN C 68 -5.92 -8.27 2.72
CA ASN C 68 -6.17 -6.94 3.25
C ASN C 68 -5.24 -5.94 2.56
N THR C 69 -5.25 -4.69 3.03
CA THR C 69 -4.62 -3.62 2.26
C THR C 69 -3.09 -3.66 2.36
N SER C 70 -2.55 -3.84 3.56
CA SER C 70 -1.11 -3.99 3.65
C SER C 70 -0.61 -5.19 2.85
N SER C 71 -1.40 -6.26 2.78
CA SER C 71 -1.01 -7.42 1.99
C SER C 71 -0.97 -7.10 0.50
N ILE C 72 -2.01 -6.44 -0.02
CA ILE C 72 -1.99 -5.95 -1.39
C ILE C 72 -0.74 -5.13 -1.64
N LYS C 73 -0.41 -4.21 -0.72
CA LYS C 73 0.79 -3.39 -0.87
C LYS C 73 2.04 -4.27 -0.98
N ALA C 74 2.19 -5.24 -0.08
CA ALA C 74 3.39 -6.07 -0.10
C ALA C 74 3.48 -6.91 -1.37
N MET C 75 2.34 -7.41 -1.84
CA MET C 75 2.32 -8.13 -3.10
C MET C 75 2.77 -7.26 -4.24
N MET C 76 2.36 -5.99 -4.24
CA MET C 76 2.85 -5.08 -5.26
C MET C 76 4.35 -4.85 -5.13
N ASP C 77 4.85 -4.81 -3.90
CA ASP C 77 6.29 -4.69 -3.69
C ASP C 77 7.04 -5.86 -4.33
N ILE C 78 6.58 -7.08 -4.02
CA ILE C 78 7.12 -8.29 -4.62
C ILE C 78 7.06 -8.20 -6.15
N LEU C 79 5.92 -7.77 -6.68
CA LEU C 79 5.77 -7.68 -8.13
C LEU C 79 6.76 -6.70 -8.72
N ASP C 80 6.98 -5.57 -8.05
CA ASP C 80 7.99 -4.59 -8.48
C ASP C 80 9.37 -5.23 -8.53
N LEU C 81 9.72 -6.04 -7.55
CA LEU C 81 10.99 -6.76 -7.61
C LEU C 81 11.07 -7.63 -8.86
N LEU C 82 9.99 -8.37 -9.14
CA LEU C 82 9.95 -9.25 -10.30
C LEU C 82 10.03 -8.45 -11.60
N GLU C 83 9.33 -7.33 -11.68
CA GLU C 83 9.35 -6.52 -12.89
C GLU C 83 10.74 -5.96 -13.12
N GLU C 84 11.42 -5.55 -12.04
CA GLU C 84 12.77 -5.04 -12.17
C GLU C 84 13.72 -6.12 -12.68
N ALA C 85 13.66 -7.33 -12.09
CA ALA C 85 14.50 -8.43 -12.56
C ALA C 85 14.18 -8.78 -14.01
N HIS C 86 12.91 -8.75 -14.39
CA HIS C 86 12.55 -9.07 -15.76
C HIS C 86 13.12 -8.04 -16.72
N GLN C 87 13.04 -6.76 -16.37
CA GLN C 87 13.58 -5.75 -17.27
C GLN C 87 15.09 -5.85 -17.45
N GLY C 88 15.79 -6.64 -16.64
CA GLY C 88 17.23 -6.80 -16.76
C GLY C 88 17.62 -8.17 -17.27
N GLY C 89 16.66 -8.85 -17.89
CA GLY C 89 16.88 -10.11 -18.54
C GLY C 89 16.58 -11.34 -17.71
N ARG C 90 16.35 -11.20 -16.42
CA ARG C 90 16.18 -12.39 -15.59
C ARG C 90 14.85 -13.08 -15.91
N PRO C 91 14.85 -14.39 -16.16
CA PRO C 91 13.56 -15.08 -16.36
C PRO C 91 12.81 -15.21 -15.04
N VAL C 92 11.64 -14.55 -14.96
CA VAL C 92 10.74 -14.62 -13.81
C VAL C 92 9.33 -14.82 -14.33
N SER C 93 8.53 -15.57 -13.56
CA SER C 93 7.14 -15.79 -13.98
C SER C 93 6.25 -16.02 -12.78
N LEU C 94 4.96 -15.67 -12.95
CA LEU C 94 3.97 -15.77 -11.89
C LEU C 94 2.72 -16.46 -12.42
N ARG C 95 2.16 -17.36 -11.60
CA ARG C 95 0.90 -18.02 -11.89
C ARG C 95 -0.04 -17.80 -10.72
N TRP C 96 -1.16 -17.12 -10.99
CA TRP C 96 -2.18 -16.80 -10.00
C TRP C 96 -3.33 -17.80 -10.15
N HIS C 97 -3.50 -18.68 -9.16
CA HIS C 97 -4.56 -19.68 -9.17
C HIS C 97 -5.78 -19.20 -8.42
N TYR C 98 -6.95 -19.40 -9.01
CA TYR C 98 -8.18 -19.04 -8.35
C TYR C 98 -9.26 -20.06 -8.65
N ASP C 99 -10.23 -20.13 -7.74
CA ASP C 99 -11.38 -21.00 -7.88
C ASP C 99 -12.42 -20.32 -8.78
N ARG C 100 -12.92 -21.07 -9.78
CA ARG C 100 -13.71 -20.47 -10.87
C ARG C 100 -15.04 -19.89 -10.39
N ARG C 101 -15.41 -20.35 -9.25
CA ARG C 101 -16.57 -19.90 -8.65
C ARG C 101 -16.36 -18.47 -8.34
N ASN C 102 -15.22 -18.05 -7.84
CA ASN C 102 -15.11 -16.62 -7.58
C ASN C 102 -14.90 -15.88 -8.82
N GLU C 103 -15.87 -15.10 -9.11
CA GLU C 103 -15.93 -14.32 -10.28
C GLU C 103 -15.02 -13.15 -10.39
N ARG C 104 -14.98 -12.47 -9.31
CA ARG C 104 -14.34 -11.26 -9.16
C ARG C 104 -12.89 -11.37 -8.82
N VAL C 105 -12.44 -12.53 -8.46
CA VAL C 105 -11.07 -12.73 -8.14
C VAL C 105 -10.17 -12.47 -9.32
N ALA C 106 -10.57 -12.86 -10.48
CA ALA C 106 -9.88 -12.75 -11.65
C ALA C 106 -9.64 -11.39 -12.10
N GLU C 107 -10.61 -10.59 -11.94
CA GLU C 107 -10.36 -9.19 -12.32
C GLU C 107 -9.48 -8.47 -11.30
N LEU C 108 -9.51 -8.91 -10.04
CA LEU C 108 -8.52 -8.47 -9.06
C LEU C 108 -7.11 -8.81 -9.52
N ALA C 109 -6.91 -10.08 -9.90
CA ALA C 109 -5.62 -10.51 -10.40
C ALA C 109 -5.22 -9.74 -11.63
N GLU C 110 -6.11 -9.47 -12.50
CA GLU C 110 -5.81 -8.76 -13.68
C GLU C 110 -5.32 -7.39 -13.36
N GLU C 111 -5.71 -6.87 -12.21
CA GLU C 111 -5.26 -5.55 -11.79
C GLU C 111 -3.93 -5.68 -11.26
N PHE C 112 -3.72 -6.75 -10.61
CA PHE C 112 -2.34 -7.01 -10.15
C PHE C 112 -1.35 -7.09 -11.32
N ARG C 113 -1.72 -7.62 -12.43
CA ARG C 113 -0.93 -7.76 -13.55
C ARG C 113 -0.84 -6.65 -14.54
N GLU C 114 -1.56 -5.60 -14.43
CA GLU C 114 -1.61 -4.57 -15.46
C GLU C 114 -0.23 -3.97 -15.77
N ASP C 115 0.61 -3.79 -14.75
CA ASP C 115 1.92 -3.17 -14.96
C ASP C 115 3.05 -4.20 -15.05
N CYS C 116 2.74 -5.45 -15.37
CA CYS C 116 3.70 -6.56 -15.31
C CYS C 116 4.04 -7.03 -16.71
N SER C 117 5.29 -6.79 -17.12
CA SER C 117 5.78 -7.22 -18.43
C SER C 117 6.12 -8.70 -18.48
N PHE C 118 6.27 -9.36 -17.36
CA PHE C 118 6.73 -10.73 -17.36
C PHE C 118 5.55 -11.68 -17.43
N PRO C 119 5.82 -12.97 -17.66
CA PRO C 119 4.72 -13.96 -17.72
C PRO C 119 3.89 -13.99 -16.46
N PHE C 120 2.64 -13.54 -16.58
CA PHE C 120 1.71 -13.46 -15.46
C PHE C 120 0.43 -14.19 -15.89
N ALA C 121 0.24 -15.40 -15.39
CA ALA C 121 -0.85 -16.28 -15.83
C ALA C 121 -1.93 -16.36 -14.78
N ILE C 122 -3.15 -16.11 -15.16
CA ILE C 122 -4.23 -16.23 -14.26
C ILE C 122 -4.98 -17.51 -14.55
N GLN C 123 -5.16 -18.34 -13.58
CA GLN C 123 -5.74 -19.62 -13.88
C GLN C 123 -6.82 -20.23 -13.06
N ALA C 124 -7.93 -20.50 -13.69
CA ALA C 124 -9.06 -21.10 -13.06
C ALA C 124 -8.76 -22.50 -12.77
N HIS C 125 -9.08 -22.96 -11.58
CA HIS C 125 -8.69 -24.25 -11.11
C HIS C 125 -9.77 -24.54 -10.15
N ASP C 126 -10.61 -25.51 -10.50
CA ASP C 126 -11.86 -25.96 -9.86
C ASP C 126 -11.78 -26.56 -8.51
N MET D 2 -19.14 30.12 -3.13
CA MET D 2 -19.97 29.69 -2.01
C MET D 2 -21.09 28.81 -2.53
N SER D 3 -21.35 27.71 -1.82
CA SER D 3 -22.36 26.74 -2.25
C SER D 3 -22.78 25.88 -1.07
N ASP D 4 -23.99 25.35 -1.15
CA ASP D 4 -24.44 24.28 -0.28
C ASP D 4 -24.26 22.98 -1.03
N LEU D 5 -23.69 21.99 -0.35
CA LEU D 5 -23.44 20.69 -0.94
C LEU D 5 -24.42 19.70 -0.35
N HIS D 6 -25.14 19.02 -1.13
CA HIS D 6 -25.99 17.99 -0.70
C HIS D 6 -25.85 16.78 -1.53
N ILE D 7 -25.23 15.75 -1.08
CA ILE D 7 -25.03 14.48 -1.77
C ILE D 7 -25.92 13.45 -1.08
N PRO D 8 -26.98 12.97 -1.73
CA PRO D 8 -27.84 11.97 -1.08
C PRO D 8 -27.08 10.68 -0.91
N GLY D 9 -27.18 10.09 0.28
CA GLY D 9 -26.60 8.79 0.50
C GLY D 9 -27.30 7.71 -0.31
N THR D 10 -26.61 6.57 -0.44
CA THR D 10 -27.22 5.35 -0.97
C THR D 10 -26.92 4.26 0.05
N GLN D 11 -26.96 3.06 -0.31
CA GLN D 11 -26.61 2.11 0.68
C GLN D 11 -25.22 1.75 0.73
N SER D 12 -24.55 2.11 -0.27
CA SER D 12 -23.11 1.91 -0.34
C SER D 12 -22.31 3.21 -0.28
N THR D 13 -22.95 4.37 -0.28
CA THR D 13 -22.21 5.63 -0.21
C THR D 13 -22.87 6.59 0.77
N PRO D 14 -22.08 7.37 1.49
CA PRO D 14 -22.62 8.17 2.59
C PRO D 14 -23.41 9.36 2.11
N ALA D 15 -24.33 9.79 2.97
CA ALA D 15 -24.99 11.07 2.81
C ALA D 15 -24.04 12.17 3.28
N ILE D 16 -23.92 13.25 2.51
CA ILE D 16 -23.02 14.36 2.87
C ILE D 16 -23.76 15.68 2.69
N GLN D 17 -23.64 16.57 3.66
CA GLN D 17 -24.27 17.88 3.63
C GLN D 17 -23.24 18.93 4.04
N GLY D 18 -22.94 19.84 3.14
CA GLY D 18 -22.04 20.95 3.39
C GLY D 18 -22.82 22.25 3.48
N ASP D 19 -23.00 22.74 4.71
CA ASP D 19 -23.82 23.90 5.05
C ASP D 19 -22.91 25.13 5.16
N TRP D 20 -22.98 26.00 4.15
CA TRP D 20 -22.02 27.11 4.04
C TRP D 20 -22.23 28.17 5.12
N GLN D 21 -23.50 28.52 5.42
CA GLN D 21 -23.77 29.50 6.47
C GLN D 21 -23.40 28.98 7.85
N ALA D 22 -23.76 27.73 8.15
CA ALA D 22 -23.41 27.12 9.41
C ALA D 22 -21.91 26.90 9.56
N GLY D 23 -21.18 26.81 8.46
CA GLY D 23 -19.82 26.33 8.49
C GLY D 23 -19.71 24.87 8.90
N ARG D 24 -20.58 24.00 8.37
CA ARG D 24 -20.59 22.63 8.85
C ARG D 24 -20.60 21.65 7.70
N LEU D 25 -19.68 20.70 7.73
CA LEU D 25 -19.70 19.56 6.81
C LEU D 25 -20.09 18.32 7.62
N SER D 26 -21.23 17.72 7.26
CA SER D 26 -21.76 16.54 7.91
C SER D 26 -21.73 15.36 6.96
N MET D 27 -21.36 14.19 7.49
CA MET D 27 -21.35 12.95 6.71
C MET D 27 -21.93 11.83 7.54
N GLN D 28 -22.72 10.96 6.89
CA GLN D 28 -23.37 9.84 7.56
C GLN D 28 -23.33 8.58 6.72
N GLY D 29 -22.99 7.45 7.34
CA GLY D 29 -23.26 6.16 6.73
C GLY D 29 -22.01 5.38 6.35
N ASP D 30 -22.25 4.26 5.66
CA ASP D 30 -21.17 3.45 5.10
C ASP D 30 -20.64 4.11 3.85
N SER D 31 -19.37 3.84 3.53
CA SER D 31 -18.71 4.46 2.38
C SER D 31 -17.94 3.40 1.60
N TYR D 32 -18.60 2.78 0.63
CA TYR D 32 -17.94 1.85 -0.30
C TYR D 32 -18.08 2.36 -1.73
N PRO D 33 -17.71 3.60 -2.06
CA PRO D 33 -17.98 4.08 -3.40
C PRO D 33 -17.20 3.23 -4.40
N GLU D 34 -17.84 2.96 -5.54
CA GLU D 34 -17.11 2.33 -6.62
C GLU D 34 -16.16 3.33 -7.28
N ASN D 35 -16.59 4.57 -7.45
CA ASN D 35 -15.74 5.62 -7.98
C ASN D 35 -15.50 6.61 -6.86
N SER D 36 -14.37 6.47 -6.18
CA SER D 36 -14.13 7.31 -5.01
C SER D 36 -13.95 8.76 -5.41
N TYR D 37 -13.28 9.02 -6.54
CA TYR D 37 -13.06 10.39 -6.96
C TYR D 37 -14.38 11.08 -7.25
N GLU D 38 -15.32 10.38 -7.88
CA GLU D 38 -16.58 11.03 -8.21
C GLU D 38 -17.38 11.39 -6.97
N LEU D 39 -17.24 10.62 -5.90
CA LEU D 39 -17.91 11.00 -4.66
C LEU D 39 -17.18 12.15 -3.97
N PHE D 40 -15.87 12.02 -3.76
CA PHE D 40 -15.17 12.83 -2.77
C PHE D 40 -14.48 14.05 -3.36
N GLY D 41 -14.30 14.13 -4.68
CA GLY D 41 -13.60 15.27 -5.24
C GLY D 41 -14.36 16.57 -5.02
N GLN D 42 -15.67 16.54 -5.26
CA GLN D 42 -16.50 17.72 -4.99
C GLN D 42 -16.45 18.09 -3.52
N VAL D 43 -16.30 17.10 -2.62
CA VAL D 43 -16.27 17.40 -1.19
C VAL D 43 -14.98 18.12 -0.81
N ILE D 44 -13.85 17.53 -1.19
CA ILE D 44 -12.55 18.17 -0.96
C ILE D 44 -12.55 19.57 -1.56
N ASP D 45 -13.13 19.71 -2.75
CA ASP D 45 -13.19 21.02 -3.37
C ASP D 45 -14.04 21.99 -2.55
N TRP D 46 -15.18 21.52 -2.04
CA TRP D 46 -16.01 22.38 -1.19
C TRP D 46 -15.22 22.86 0.03
N VAL D 47 -14.47 21.95 0.67
CA VAL D 47 -13.71 22.32 1.86
C VAL D 47 -12.66 23.35 1.50
N GLU D 48 -11.97 23.14 0.38
CA GLU D 48 -10.96 24.10 -0.06
C GLU D 48 -11.60 25.47 -0.29
N ARG D 49 -12.69 25.52 -1.05
CA ARG D 49 -13.36 26.79 -1.32
C ARG D 49 -13.77 27.46 -0.03
N PHE D 50 -14.38 26.71 0.90
CA PHE D 50 -14.78 27.28 2.18
C PHE D 50 -13.58 27.90 2.90
N LEU D 51 -12.49 27.12 3.05
CA LEU D 51 -11.30 27.63 3.73
C LEU D 51 -10.72 28.87 3.05
N ALA D 52 -10.77 28.95 1.72
CA ALA D 52 -10.21 30.09 1.01
C ALA D 52 -11.10 31.34 1.04
N ASP D 53 -12.37 31.25 1.41
CA ASP D 53 -13.31 32.34 1.18
C ASP D 53 -13.48 33.27 2.37
N GLY D 54 -12.82 33.00 3.48
CA GLY D 54 -12.97 33.86 4.65
C GLY D 54 -12.24 33.23 5.82
N GLN D 55 -12.65 33.61 7.03
CA GLN D 55 -12.05 32.96 8.19
C GLN D 55 -13.09 32.47 9.20
N ARG D 56 -14.35 32.35 8.80
CA ARG D 56 -15.36 31.70 9.62
C ARG D 56 -14.93 30.28 9.97
N PRO D 57 -15.35 29.76 11.12
CA PRO D 57 -14.91 28.43 11.51
C PRO D 57 -15.54 27.34 10.65
N LEU D 58 -14.94 26.17 10.66
CA LEU D 58 -15.44 25.03 9.91
C LEU D 58 -15.47 23.82 10.84
N GLU D 59 -16.65 23.23 11.01
CA GLU D 59 -16.80 22.07 11.87
C GLU D 59 -17.26 20.89 11.01
N LEU D 60 -16.56 19.76 11.16
CA LEU D 60 -16.97 18.51 10.56
C LEU D 60 -17.77 17.71 11.57
N ASP D 61 -18.88 17.13 11.11
CA ASP D 61 -19.82 16.45 11.99
C ASP D 61 -20.04 15.05 11.42
N LEU D 62 -19.24 14.09 11.86
CA LEU D 62 -19.21 12.80 11.19
C LEU D 62 -20.02 11.77 11.96
N ARG D 63 -20.87 11.06 11.23
CA ARG D 63 -21.55 9.87 11.71
C ARG D 63 -21.24 8.73 10.76
N LEU D 64 -19.96 8.54 10.48
CA LEU D 64 -19.53 7.57 9.48
C LEU D 64 -19.49 6.18 10.10
N LEU D 65 -19.91 5.17 9.33
CA LEU D 65 -19.77 3.77 9.69
C LEU D 65 -18.56 3.17 8.96
N TYR D 66 -18.77 2.17 8.12
CA TYR D 66 -17.64 1.48 7.52
C TYR D 66 -17.04 2.36 6.41
N LEU D 67 -15.71 2.46 6.40
CA LEU D 67 -14.97 3.20 5.36
C LEU D 67 -14.07 2.23 4.61
N ASN D 68 -14.20 2.15 3.29
CA ASN D 68 -13.23 1.40 2.51
C ASN D 68 -11.93 2.22 2.39
N THR D 69 -10.95 1.66 1.67
CA THR D 69 -9.58 2.18 1.71
C THR D 69 -9.51 3.59 1.15
N SER D 70 -10.14 3.82 0.01
CA SER D 70 -10.02 5.14 -0.58
C SER D 70 -10.89 6.14 0.13
N SER D 71 -11.97 5.70 0.80
CA SER D 71 -12.66 6.58 1.73
C SER D 71 -11.72 7.01 2.85
N ILE D 72 -10.96 6.06 3.40
CA ILE D 72 -9.98 6.41 4.42
C ILE D 72 -9.00 7.43 3.86
N LYS D 73 -8.49 7.17 2.65
CA LYS D 73 -7.58 8.11 2.01
C LYS D 73 -8.20 9.50 1.86
N ALA D 74 -9.46 9.56 1.43
CA ALA D 74 -10.12 10.85 1.24
C ALA D 74 -10.29 11.58 2.56
N MET D 75 -10.66 10.84 3.62
CA MET D 75 -10.80 11.45 4.93
C MET D 75 -9.46 12.02 5.42
N MET D 76 -8.38 11.42 5.22
CA MET D 76 -7.16 12.00 5.50
C MET D 76 -6.84 13.13 4.67
N ASP D 77 -7.14 13.16 3.42
CA ASP D 77 -6.95 14.36 2.61
C ASP D 77 -7.68 15.54 3.25
N ILE D 78 -8.93 15.31 3.70
CA ILE D 78 -9.73 16.38 4.29
C ILE D 78 -9.13 16.83 5.62
N LEU D 79 -8.71 15.87 6.44
CA LEU D 79 -8.01 16.20 7.66
C LEU D 79 -6.75 17.03 7.38
N ASP D 80 -5.99 16.68 6.34
CA ASP D 80 -4.83 17.48 5.97
C ASP D 80 -5.20 18.93 5.75
N LEU D 81 -6.26 19.17 4.94
CA LEU D 81 -6.68 20.55 4.72
C LEU D 81 -7.00 21.25 6.04
N LEU D 82 -7.73 20.56 6.92
CA LEU D 82 -8.08 21.14 8.22
C LEU D 82 -6.84 21.39 9.08
N GLU D 83 -5.86 20.49 9.03
CA GLU D 83 -4.67 20.69 9.85
C GLU D 83 -3.89 21.90 9.36
N GLU D 84 -3.82 22.09 8.05
CA GLU D 84 -3.17 23.28 7.52
C GLU D 84 -3.93 24.56 7.93
N ALA D 85 -5.26 24.55 7.80
CA ALA D 85 -6.02 25.74 8.20
C ALA D 85 -5.83 26.03 9.68
N HIS D 86 -5.70 24.99 10.50
CA HIS D 86 -5.53 25.22 11.93
C HIS D 86 -4.14 25.75 12.24
N GLN D 87 -3.11 25.25 11.57
CA GLN D 87 -1.74 25.71 11.79
C GLN D 87 -1.61 27.19 11.50
N GLY D 88 -2.44 27.72 10.60
CA GLY D 88 -2.41 29.10 10.17
C GLY D 88 -3.39 30.00 10.89
N GLY D 89 -4.09 29.51 11.91
CA GLY D 89 -4.89 30.37 12.76
C GLY D 89 -6.39 30.24 12.57
N ARG D 90 -6.84 29.47 11.58
CA ARG D 90 -8.28 29.29 11.35
C ARG D 90 -8.86 28.36 12.40
N PRO D 91 -9.95 28.73 13.06
CA PRO D 91 -10.61 27.79 13.97
C PRO D 91 -11.36 26.71 13.19
N VAL D 92 -10.94 25.46 13.36
CA VAL D 92 -11.58 24.33 12.71
C VAL D 92 -11.73 23.24 13.75
N SER D 93 -12.68 22.32 13.52
CA SER D 93 -12.92 21.31 14.55
C SER D 93 -13.73 20.14 13.97
N LEU D 94 -13.79 19.05 14.74
CA LEU D 94 -14.35 17.81 14.27
C LEU D 94 -14.97 17.04 15.43
N ARG D 95 -16.19 16.55 15.21
CA ARG D 95 -16.86 15.62 16.11
C ARG D 95 -17.10 14.31 15.37
N TRP D 96 -16.74 13.21 15.99
CA TRP D 96 -16.87 11.88 15.42
C TRP D 96 -17.82 11.11 16.33
N HIS D 97 -19.07 10.93 15.91
CA HIS D 97 -20.05 10.20 16.71
C HIS D 97 -19.98 8.71 16.41
N TYR D 98 -20.28 7.90 17.43
CA TYR D 98 -20.28 6.46 17.30
C TYR D 98 -21.20 5.83 18.37
N ASP D 99 -21.76 4.68 18.03
CA ASP D 99 -22.55 3.88 18.97
C ASP D 99 -21.62 3.33 20.05
N ARG D 100 -21.97 3.53 21.33
CA ARG D 100 -21.07 3.10 22.40
C ARG D 100 -20.85 1.58 22.40
N ARG D 101 -21.83 0.81 21.93
CA ARG D 101 -21.74 -0.63 21.91
C ARG D 101 -20.68 -1.16 20.95
N ASN D 102 -20.12 -0.32 20.08
CA ASN D 102 -19.04 -0.72 19.18
C ASN D 102 -17.82 0.14 19.52
N GLU D 103 -17.04 -0.27 20.50
CA GLU D 103 -15.99 0.62 20.95
C GLU D 103 -14.71 0.49 20.13
N ARG D 104 -14.59 -0.52 19.27
CA ARG D 104 -13.47 -0.58 18.34
C ARG D 104 -13.47 0.63 17.40
N VAL D 105 -14.66 1.03 16.94
CA VAL D 105 -14.80 2.25 16.17
C VAL D 105 -14.01 3.39 16.79
N ALA D 106 -14.08 3.55 18.11
CA ALA D 106 -13.46 4.71 18.75
C ALA D 106 -11.95 4.65 18.60
N GLU D 107 -11.37 3.45 18.61
CA GLU D 107 -9.93 3.33 18.39
C GLU D 107 -9.57 3.68 16.96
N LEU D 108 -10.44 3.29 16.01
CA LEU D 108 -10.27 3.71 14.62
C LEU D 108 -10.26 5.24 14.47
N ALA D 109 -11.25 5.89 15.07
CA ALA D 109 -11.23 7.35 15.09
C ALA D 109 -9.94 7.88 15.71
N GLU D 110 -9.46 7.23 16.78
CA GLU D 110 -8.21 7.71 17.38
C GLU D 110 -7.08 7.66 16.38
N GLU D 111 -7.05 6.77 15.54
CA GLU D 111 -6.11 6.70 14.54
C GLU D 111 -6.22 7.80 13.59
N PHE D 112 -7.38 8.20 13.20
CA PHE D 112 -7.53 9.41 12.39
C PHE D 112 -7.05 10.65 13.11
N ARG D 113 -7.25 10.69 14.42
CA ARG D 113 -6.95 11.89 15.19
C ARG D 113 -5.47 12.04 15.46
N GLU D 114 -4.69 11.05 15.32
CA GLU D 114 -3.41 11.08 15.77
C GLU D 114 -2.57 12.18 15.33
N ASP D 115 -2.61 12.57 14.12
CA ASP D 115 -1.82 13.68 13.62
C ASP D 115 -2.60 14.98 13.50
N CYS D 116 -3.78 15.08 14.10
CA CYS D 116 -4.56 16.31 14.11
C CYS D 116 -4.31 17.08 15.39
N SER D 117 -4.08 18.39 15.27
CA SER D 117 -3.92 19.22 16.47
C SER D 117 -5.08 20.16 16.69
N PHE D 118 -6.07 20.13 15.82
CA PHE D 118 -7.26 20.92 16.04
C PHE D 118 -8.22 20.14 16.93
N PRO D 119 -9.22 20.78 17.54
CA PRO D 119 -10.14 20.02 18.41
C PRO D 119 -10.83 18.91 17.62
N PHE D 120 -10.71 17.69 18.13
CA PHE D 120 -11.15 16.45 17.45
C PHE D 120 -11.78 15.61 18.54
N ALA D 121 -13.12 15.62 18.60
CA ALA D 121 -13.87 15.00 19.68
C ALA D 121 -14.49 13.67 19.24
N ILE D 122 -14.14 12.58 19.93
CA ILE D 122 -14.68 11.25 19.63
C ILE D 122 -15.75 10.93 20.67
N GLN D 123 -17.00 10.76 20.21
CA GLN D 123 -18.17 10.94 21.06
C GLN D 123 -19.15 9.78 20.91
N ALA D 124 -19.61 9.23 21.99
CA ALA D 124 -20.61 8.22 21.94
C ALA D 124 -21.97 8.79 21.95
N HIS D 125 -22.96 8.10 21.45
CA HIS D 125 -24.26 8.73 21.19
C HIS D 125 -24.95 9.40 22.35
N ASP D 126 -24.80 8.93 23.53
CA ASP D 126 -25.27 9.60 24.73
C ASP D 126 -24.62 10.98 24.83
N HIS E 6 38.09 14.92 16.90
CA HIS E 6 36.72 14.44 16.72
C HIS E 6 35.76 15.57 16.37
N ILE E 7 35.19 15.53 15.17
CA ILE E 7 34.24 16.51 14.69
C ILE E 7 32.90 15.79 14.47
N PRO E 8 31.88 16.07 15.27
CA PRO E 8 30.58 15.41 15.06
C PRO E 8 29.93 15.90 13.76
N GLY E 9 29.44 14.94 12.98
CA GLY E 9 28.77 15.30 11.74
C GLY E 9 27.38 15.87 11.99
N THR E 10 26.92 16.70 11.06
CA THR E 10 25.55 17.17 11.07
C THR E 10 24.90 16.71 9.78
N GLN E 11 23.70 17.22 9.46
CA GLN E 11 23.05 16.82 8.21
C GLN E 11 23.78 17.37 6.99
N SER E 12 24.46 18.52 7.15
CA SER E 12 25.23 19.14 6.07
C SER E 12 26.74 19.02 6.24
N THR E 13 27.21 18.50 7.37
CA THR E 13 28.65 18.38 7.57
C THR E 13 29.04 16.92 7.72
N PRO E 14 30.23 16.54 7.26
CA PRO E 14 30.70 15.16 7.46
C PRO E 14 31.25 14.93 8.86
N ALA E 15 31.04 13.70 9.35
CA ALA E 15 31.62 13.25 10.61
C ALA E 15 33.07 12.81 10.37
N ILE E 16 33.99 13.35 11.18
CA ILE E 16 35.42 13.13 11.02
C ILE E 16 36.00 12.62 12.34
N GLN E 17 36.91 11.65 12.25
CA GLN E 17 37.57 11.08 13.41
C GLN E 17 39.04 10.85 13.10
N GLY E 18 39.90 11.49 13.89
CA GLY E 18 41.34 11.33 13.75
C GLY E 18 41.95 10.54 14.88
N ASP E 19 42.10 9.22 14.65
CA ASP E 19 42.66 8.31 15.64
C ASP E 19 44.18 8.43 15.62
N TRP E 20 44.73 8.99 16.70
CA TRP E 20 46.17 9.21 16.82
C TRP E 20 46.93 7.89 16.95
N GLN E 21 46.44 7.01 17.83
CA GLN E 21 47.12 5.74 18.07
C GLN E 21 46.97 4.80 16.88
N ALA E 22 45.73 4.58 16.42
CA ALA E 22 45.50 3.73 15.25
C ALA E 22 46.10 4.31 13.99
N GLY E 23 46.34 5.62 13.95
CA GLY E 23 46.86 6.28 12.78
C GLY E 23 45.86 6.30 11.65
N ARG E 24 44.63 6.74 11.92
CA ARG E 24 43.57 6.66 10.92
C ARG E 24 42.75 7.94 10.87
N LEU E 25 42.54 8.46 9.67
CA LEU E 25 41.62 9.56 9.44
C LEU E 25 40.38 8.99 8.74
N SER E 26 39.24 9.08 9.41
CA SER E 26 38.00 8.53 8.88
C SER E 26 36.97 9.64 8.67
N MET E 27 36.23 9.55 7.56
CA MET E 27 35.31 10.60 7.15
C MET E 27 34.04 9.99 6.60
N GLN E 28 32.89 10.57 6.97
CA GLN E 28 31.59 9.99 6.65
C GLN E 28 30.57 11.08 6.32
N GLY E 29 29.80 10.88 5.25
CA GLY E 29 28.56 11.61 5.03
C GLY E 29 28.66 12.68 3.93
N ASP E 30 27.64 13.53 3.92
CA ASP E 30 27.56 14.66 3.00
C ASP E 30 28.44 15.82 3.47
N SER E 31 29.03 16.53 2.51
CA SER E 31 29.87 17.69 2.80
C SER E 31 29.35 18.91 2.03
N TYR E 32 28.54 19.73 2.71
CA TYR E 32 28.12 21.03 2.17
C TYR E 32 28.41 22.13 3.19
N PRO E 33 29.62 22.19 3.74
CA PRO E 33 29.86 23.11 4.86
C PRO E 33 29.65 24.55 4.44
N GLU E 34 29.38 25.38 5.36
CA GLU E 34 29.17 26.71 5.07
C GLU E 34 30.47 27.36 5.18
N ASN E 35 31.13 27.14 6.24
CA ASN E 35 32.48 27.66 6.42
C ASN E 35 33.45 26.50 6.23
N SER E 36 33.88 26.31 4.99
CA SER E 36 34.69 25.14 4.67
C SER E 36 36.05 25.20 5.34
N TYR E 37 36.63 26.39 5.45
CA TYR E 37 37.95 26.50 6.06
C TYR E 37 37.90 26.12 7.54
N GLU E 38 36.90 26.60 8.21
CA GLU E 38 36.88 26.36 9.59
C GLU E 38 36.86 24.91 9.87
N LEU E 39 36.17 24.10 9.08
CA LEU E 39 36.06 22.67 9.28
C LEU E 39 37.31 21.94 8.78
N PHE E 40 37.76 22.24 7.57
CA PHE E 40 38.81 21.45 6.96
C PHE E 40 40.21 21.89 7.35
N GLY E 41 40.36 23.09 7.92
CA GLY E 41 41.67 23.51 8.39
C GLY E 41 42.12 22.73 9.61
N GLN E 42 41.23 22.38 10.48
CA GLN E 42 41.86 21.56 11.40
C GLN E 42 42.24 20.33 10.72
N VAL E 43 41.38 19.68 10.03
CA VAL E 43 41.75 18.36 9.52
C VAL E 43 43.11 18.40 8.84
N ILE E 44 43.38 19.43 8.03
CA ILE E 44 44.67 19.54 7.36
C ILE E 44 45.80 19.73 8.39
N ASP E 45 45.54 20.53 9.43
CA ASP E 45 46.52 20.71 10.50
C ASP E 45 46.80 19.41 11.23
N TRP E 46 45.74 18.66 11.55
CA TRP E 46 45.91 17.34 12.15
C TRP E 46 46.77 16.45 11.25
N VAL E 47 46.48 16.47 9.95
CA VAL E 47 47.19 15.59 9.02
C VAL E 47 48.67 15.92 9.02
N GLU E 48 49.03 17.19 8.85
CA GLU E 48 50.45 17.54 8.77
C GLU E 48 51.16 17.41 10.12
N ARG E 49 50.46 17.68 11.24
CA ARG E 49 51.03 17.40 12.55
C ARG E 49 51.39 15.92 12.69
N PHE E 50 50.52 15.03 12.21
CA PHE E 50 50.84 13.60 12.27
C PHE E 50 52.03 13.26 11.37
N LEU E 51 52.06 13.82 10.15
CA LEU E 51 53.12 13.47 9.19
C LEU E 51 54.50 13.92 9.65
N ALA E 52 54.55 14.98 10.43
CA ALA E 52 55.82 15.46 10.96
C ALA E 52 56.22 14.78 12.27
N ASP E 53 55.31 14.01 12.89
CA ASP E 53 55.54 13.54 14.26
C ASP E 53 56.41 12.28 14.32
N GLY E 54 56.34 11.40 13.33
CA GLY E 54 57.24 10.27 13.36
C GLY E 54 56.86 8.98 12.66
N GLN E 55 56.91 9.00 11.33
CA GLN E 55 57.06 7.81 10.49
C GLN E 55 56.01 6.70 10.66
N ARG E 56 55.01 6.90 11.52
CA ARG E 56 53.95 5.92 11.64
C ARG E 56 53.07 5.95 10.39
N PRO E 57 52.49 4.80 9.99
CA PRO E 57 51.68 4.77 8.77
C PRO E 57 50.34 5.45 8.97
N LEU E 58 49.86 6.10 7.90
CA LEU E 58 48.61 6.85 7.91
C LEU E 58 47.65 6.28 6.89
N GLU E 59 46.44 5.93 7.34
CA GLU E 59 45.41 5.35 6.51
C GLU E 59 44.16 6.23 6.54
N LEU E 60 43.64 6.55 5.36
CA LEU E 60 42.41 7.32 5.20
C LEU E 60 41.27 6.36 4.88
N ASP E 61 40.23 6.38 5.71
CA ASP E 61 39.06 5.52 5.60
C ASP E 61 37.87 6.41 5.24
N LEU E 62 37.56 6.52 3.94
CA LEU E 62 36.55 7.46 3.48
C LEU E 62 35.28 6.74 3.04
N ARG E 63 34.13 7.25 3.47
CA ARG E 63 32.83 6.98 2.85
C ARG E 63 32.02 8.28 2.75
N LEU E 64 32.61 9.26 2.10
CA LEU E 64 31.90 10.50 1.81
C LEU E 64 30.84 10.25 0.74
N LEU E 65 29.75 11.00 0.84
CA LEU E 65 28.72 10.93 -0.18
C LEU E 65 28.91 12.04 -1.18
N TYR E 66 28.35 13.22 -0.91
CA TYR E 66 28.54 14.37 -1.79
C TYR E 66 29.61 15.30 -1.22
N LEU E 67 30.40 15.89 -2.12
CA LEU E 67 31.38 16.92 -1.79
C LEU E 67 31.14 18.15 -2.66
N ASN E 68 30.87 19.30 -2.03
CA ASN E 68 30.77 20.54 -2.79
C ASN E 68 32.15 20.96 -3.30
N THR E 69 32.20 22.09 -4.01
CA THR E 69 33.44 22.50 -4.68
C THR E 69 34.57 22.71 -3.68
N SER E 70 34.36 23.41 -2.64
CA SER E 70 35.28 23.68 -1.64
C SER E 70 35.77 22.50 -1.00
N SER E 71 34.90 21.57 -0.74
CA SER E 71 35.23 20.30 -0.11
C SER E 71 36.12 19.46 -1.01
N ILE E 72 35.89 19.51 -2.32
CA ILE E 72 36.77 18.86 -3.29
C ILE E 72 38.16 19.48 -3.23
N LYS E 73 38.23 20.81 -3.08
CA LYS E 73 39.52 21.48 -3.00
C LYS E 73 40.29 21.06 -1.75
N ALA E 74 39.61 20.99 -0.60
CA ALA E 74 40.26 20.54 0.63
C ALA E 74 40.71 19.09 0.53
N MET E 75 39.90 18.23 -0.11
CA MET E 75 40.29 16.83 -0.29
C MET E 75 41.52 16.70 -1.16
N MET E 76 41.65 17.57 -2.16
CA MET E 76 42.87 17.53 -2.96
C MET E 76 44.07 18.07 -2.19
N ASP E 77 43.86 19.02 -1.28
CA ASP E 77 44.94 19.44 -0.39
C ASP E 77 45.46 18.28 0.45
N ILE E 78 44.53 17.54 1.07
CA ILE E 78 44.91 16.38 1.89
C ILE E 78 45.63 15.34 1.04
N LEU E 79 45.09 15.05 -0.14
CA LEU E 79 45.74 14.08 -1.02
C LEU E 79 47.14 14.54 -1.42
N ASP E 80 47.35 15.85 -1.59
CA ASP E 80 48.69 16.37 -1.88
C ASP E 80 49.64 16.08 -0.72
N LEU E 81 49.18 16.30 0.51
CA LEU E 81 49.98 15.96 1.68
C LEU E 81 50.36 14.47 1.66
N LEU E 82 49.37 13.61 1.39
CA LEU E 82 49.64 12.18 1.35
C LEU E 82 50.63 11.83 0.24
N GLU E 83 50.58 12.51 -0.87
CA GLU E 83 51.49 12.23 -1.94
C GLU E 83 52.87 12.64 -1.70
N GLU E 84 53.09 13.79 -1.16
CA GLU E 84 54.46 14.20 -0.81
C GLU E 84 55.03 13.32 0.32
N ALA E 85 54.15 12.77 1.16
CA ALA E 85 54.62 11.85 2.18
C ALA E 85 55.10 10.55 1.56
N HIS E 86 54.28 10.04 0.65
CA HIS E 86 54.61 8.80 -0.04
C HIS E 86 55.88 8.96 -0.86
N GLN E 87 56.10 10.14 -1.45
CA GLN E 87 57.32 10.40 -2.20
C GLN E 87 58.58 10.36 -1.32
N GLY E 88 58.46 10.58 -0.02
CA GLY E 88 59.57 10.51 0.89
C GLY E 88 59.72 9.19 1.61
N GLY E 89 58.94 8.17 1.24
CA GLY E 89 59.02 6.85 1.80
C GLY E 89 57.99 6.54 2.87
N ARG E 90 57.21 7.52 3.29
CA ARG E 90 56.24 7.30 4.37
C ARG E 90 55.13 6.38 3.90
N PRO E 91 54.80 5.32 4.65
CA PRO E 91 53.67 4.45 4.25
C PRO E 91 52.32 5.10 4.51
N VAL E 92 51.64 5.50 3.42
CA VAL E 92 50.32 6.11 3.49
C VAL E 92 49.39 5.40 2.53
N SER E 93 48.14 5.24 2.94
CA SER E 93 47.15 4.56 2.12
C SER E 93 45.80 5.21 2.30
N LEU E 94 44.92 4.97 1.33
CA LEU E 94 43.57 5.50 1.36
C LEU E 94 42.64 4.48 0.73
N ARG E 95 41.47 4.30 1.34
CA ARG E 95 40.42 3.47 0.75
C ARG E 95 39.09 4.19 0.82
N TRP E 96 38.42 4.23 -0.33
CA TRP E 96 37.18 4.96 -0.58
C TRP E 96 36.08 3.94 -0.83
N HIS E 97 35.18 3.74 0.14
CA HIS E 97 34.05 2.84 -0.10
C HIS E 97 32.84 3.62 -0.60
N TYR E 98 31.93 2.91 -1.24
CA TYR E 98 30.79 3.50 -1.92
C TYR E 98 29.74 2.43 -2.11
N ASP E 99 28.50 2.87 -2.23
CA ASP E 99 27.41 1.96 -2.52
C ASP E 99 27.46 1.52 -3.98
N ARG E 100 27.30 0.22 -4.22
CA ARG E 100 27.47 -0.30 -5.58
C ARG E 100 26.40 0.25 -6.52
N ARG E 101 25.20 0.52 -5.99
CA ARG E 101 24.12 1.05 -6.83
C ARG E 101 24.47 2.41 -7.41
N ASN E 102 25.55 2.95 -6.90
CA ASN E 102 25.93 4.25 -7.32
C ASN E 102 27.26 4.36 -7.92
N GLU E 103 27.31 3.99 -9.19
CA GLU E 103 28.58 3.94 -9.86
C GLU E 103 29.27 5.19 -9.95
N ARG E 104 28.52 6.25 -10.14
CA ARG E 104 29.00 7.56 -10.34
C ARG E 104 29.91 8.01 -9.34
N VAL E 105 29.75 7.69 -8.07
CA VAL E 105 30.69 8.03 -7.10
C VAL E 105 31.99 7.39 -7.43
N ALA E 106 32.04 6.15 -7.84
CA ALA E 106 33.32 5.50 -8.11
C ALA E 106 34.13 6.14 -9.17
N GLU E 107 33.62 6.49 -10.28
CA GLU E 107 34.47 7.21 -11.07
C GLU E 107 34.97 8.39 -10.39
N LEU E 108 34.07 9.14 -9.89
CA LEU E 108 34.58 10.34 -9.22
C LEU E 108 35.78 10.02 -8.32
N ALA E 109 35.74 8.87 -7.65
CA ALA E 109 36.87 8.48 -6.80
C ALA E 109 38.11 8.20 -7.63
N GLU E 110 37.94 7.54 -8.79
CA GLU E 110 39.09 7.36 -9.68
C GLU E 110 39.63 8.69 -10.16
N GLU E 111 38.76 9.70 -10.29
CA GLU E 111 39.23 11.05 -10.62
C GLU E 111 40.14 11.59 -9.52
N PHE E 112 39.72 11.41 -8.25
CA PHE E 112 40.61 11.79 -7.15
C PHE E 112 41.89 10.97 -7.15
N ARG E 113 41.87 9.80 -7.67
CA ARG E 113 43.05 9.04 -7.61
C ARG E 113 44.10 9.24 -8.68
N GLU E 114 43.80 9.94 -9.74
CA GLU E 114 44.66 9.99 -10.90
C GLU E 114 46.07 10.51 -10.60
N ASP E 115 46.20 11.38 -9.61
CA ASP E 115 47.49 11.98 -9.30
C ASP E 115 48.11 11.41 -8.05
N CYS E 116 47.56 10.31 -7.53
CA CYS E 116 48.06 9.64 -6.35
C CYS E 116 48.79 8.37 -6.77
N SER E 117 50.04 8.24 -6.35
CA SER E 117 50.83 7.03 -6.59
C SER E 117 50.87 6.11 -5.39
N PHE E 118 50.25 6.49 -4.29
CA PHE E 118 50.18 5.65 -3.11
C PHE E 118 48.97 4.74 -3.20
N PRO E 119 48.88 3.71 -2.35
CA PRO E 119 47.73 2.81 -2.38
C PRO E 119 46.41 3.56 -2.26
N PHE E 120 45.58 3.44 -3.29
CA PHE E 120 44.28 4.12 -3.39
C PHE E 120 43.28 3.07 -3.87
N ALA E 121 42.49 2.51 -2.95
CA ALA E 121 41.56 1.44 -3.26
C ALA E 121 40.14 1.98 -3.21
N ILE E 122 39.39 1.76 -4.28
CA ILE E 122 37.99 2.18 -4.36
C ILE E 122 37.13 0.93 -4.20
N GLN E 123 36.46 0.84 -3.06
CA GLN E 123 35.89 -0.41 -2.58
C GLN E 123 34.37 -0.31 -2.51
N ALA E 124 33.68 -1.34 -3.00
CA ALA E 124 32.23 -1.32 -2.95
C ALA E 124 31.74 -2.00 -1.67
N HIS E 125 30.44 -1.83 -1.40
CA HIS E 125 29.81 -2.45 -0.24
C HIS E 125 28.29 -2.45 -0.45
N ASP E 126 27.63 -3.45 0.17
CA ASP E 126 26.17 -3.56 0.14
C ASP E 126 25.56 -3.06 1.44
N ASP F 4 26.70 36.54 -36.53
CA ASP F 4 25.71 36.09 -35.56
C ASP F 4 26.09 34.74 -34.95
N LEU F 5 25.92 34.60 -33.64
CA LEU F 5 26.13 33.34 -32.94
C LEU F 5 24.79 32.80 -32.46
N HIS F 6 24.53 31.53 -32.76
CA HIS F 6 23.30 30.90 -32.33
C HIS F 6 23.62 29.46 -31.94
N ILE F 7 23.52 29.14 -30.66
CA ILE F 7 23.58 27.74 -30.22
C ILE F 7 22.28 27.39 -29.52
N PRO F 8 21.57 26.36 -29.99
CA PRO F 8 20.32 25.97 -29.35
C PRO F 8 20.55 25.32 -28.01
N GLY F 9 19.58 25.52 -27.11
CA GLY F 9 19.65 24.93 -25.78
C GLY F 9 19.25 23.47 -25.76
N THR F 10 19.79 22.76 -24.78
CA THR F 10 19.52 21.35 -24.52
C THR F 10 18.81 21.21 -23.18
N GLN F 11 18.60 19.96 -22.78
CA GLN F 11 18.21 19.64 -21.41
C GLN F 11 19.26 20.11 -20.41
N SER F 12 20.55 20.07 -20.81
CA SER F 12 21.63 20.28 -19.86
C SER F 12 22.56 21.44 -20.24
N THR F 13 22.23 22.22 -21.26
CA THR F 13 23.06 23.34 -21.69
C THR F 13 22.16 24.50 -22.07
N PRO F 14 22.65 25.74 -21.95
CA PRO F 14 21.78 26.89 -22.22
C PRO F 14 21.67 27.25 -23.69
N ALA F 15 20.53 27.81 -24.05
CA ALA F 15 20.38 28.45 -25.35
C ALA F 15 21.08 29.80 -25.34
N ILE F 16 21.89 30.06 -26.36
CA ILE F 16 22.68 31.29 -26.38
C ILE F 16 22.48 31.95 -27.73
N GLN F 17 22.25 33.28 -27.71
CA GLN F 17 22.04 34.08 -28.90
C GLN F 17 22.95 35.29 -28.83
N GLY F 18 23.92 35.36 -29.75
CA GLY F 18 24.73 36.55 -29.92
C GLY F 18 24.30 37.29 -31.16
N ASP F 19 23.52 38.36 -30.96
CA ASP F 19 22.98 39.17 -32.04
C ASP F 19 23.97 40.30 -32.35
N TRP F 20 24.55 40.23 -33.54
CA TRP F 20 25.54 41.18 -33.97
C TRP F 20 24.94 42.57 -34.14
N GLN F 21 23.74 42.64 -34.72
CA GLN F 21 23.16 43.93 -35.12
C GLN F 21 22.73 44.75 -33.91
N ALA F 22 21.86 44.20 -33.08
CA ALA F 22 21.50 44.91 -31.84
C ALA F 22 22.65 44.90 -30.83
N GLY F 23 23.66 44.07 -31.03
CA GLY F 23 24.78 43.98 -30.11
C GLY F 23 24.37 43.46 -28.76
N ARG F 24 23.90 42.20 -28.73
CA ARG F 24 23.43 41.64 -27.47
C ARG F 24 23.65 40.13 -27.45
N LEU F 25 24.24 39.65 -26.35
CA LEU F 25 24.34 38.24 -26.06
C LEU F 25 23.28 37.89 -25.01
N SER F 26 22.50 36.86 -25.29
CA SER F 26 21.44 36.42 -24.40
C SER F 26 21.62 34.93 -24.12
N MET F 27 21.30 34.53 -22.90
CA MET F 27 21.49 33.13 -22.50
C MET F 27 20.29 32.71 -21.68
N GLN F 28 19.85 31.47 -21.86
CA GLN F 28 18.64 30.98 -21.19
C GLN F 28 18.85 29.54 -20.78
N GLY F 29 18.48 29.21 -19.55
CA GLY F 29 18.33 27.82 -19.14
C GLY F 29 19.35 27.38 -18.10
N ASP F 30 19.35 26.08 -17.86
CA ASP F 30 20.33 25.46 -16.98
C ASP F 30 21.67 25.29 -17.72
N SER F 31 22.74 25.08 -16.95
CA SER F 31 24.08 24.94 -17.51
C SER F 31 24.83 23.83 -16.78
N TYR F 32 24.67 22.58 -17.26
CA TYR F 32 25.45 21.44 -16.80
C TYR F 32 26.24 20.84 -17.96
N PRO F 33 27.07 21.62 -18.67
CA PRO F 33 27.67 21.10 -19.90
C PRO F 33 28.69 20.01 -19.61
N GLU F 34 28.67 18.99 -20.47
CA GLU F 34 29.68 17.94 -20.42
C GLU F 34 31.04 18.49 -20.83
N ASN F 35 31.08 19.22 -21.94
CA ASN F 35 32.30 19.83 -22.48
C ASN F 35 32.13 21.33 -22.35
N SER F 36 32.56 21.89 -21.22
CA SER F 36 32.39 23.32 -21.01
C SER F 36 33.23 24.13 -21.99
N TYR F 37 34.43 23.66 -22.31
CA TYR F 37 35.28 24.36 -23.27
C TYR F 37 34.55 24.53 -24.60
N GLU F 38 34.19 23.42 -25.24
CA GLU F 38 33.51 23.47 -26.54
C GLU F 38 32.31 24.39 -26.54
N LEU F 39 31.58 24.47 -25.43
CA LEU F 39 30.39 25.32 -25.36
C LEU F 39 30.76 26.80 -25.21
N PHE F 40 31.54 27.12 -24.17
CA PHE F 40 31.75 28.51 -23.81
C PHE F 40 32.89 29.18 -24.56
N GLY F 41 33.75 28.41 -25.23
CA GLY F 41 34.79 29.02 -26.04
C GLY F 41 34.23 29.83 -27.19
N GLN F 42 33.24 29.27 -27.89
CA GLN F 42 32.56 30.05 -28.93
C GLN F 42 32.00 31.35 -28.37
N VAL F 43 31.45 31.32 -27.15
CA VAL F 43 30.87 32.51 -26.56
C VAL F 43 31.95 33.55 -26.26
N ILE F 44 33.03 33.12 -25.60
CA ILE F 44 34.11 34.05 -25.27
C ILE F 44 34.69 34.64 -26.55
N ASP F 45 34.88 33.81 -27.59
CA ASP F 45 35.45 34.29 -28.84
C ASP F 45 34.55 35.32 -29.48
N TRP F 46 33.25 35.04 -29.55
CA TRP F 46 32.29 36.01 -30.08
C TRP F 46 32.39 37.34 -29.32
N VAL F 47 32.45 37.28 -27.98
CA VAL F 47 32.48 38.51 -27.19
C VAL F 47 33.76 39.29 -27.48
N GLU F 48 34.89 38.60 -27.58
CA GLU F 48 36.16 39.26 -27.89
C GLU F 48 36.09 39.93 -29.26
N ARG F 49 35.63 39.19 -30.28
CA ARG F 49 35.56 39.73 -31.63
C ARG F 49 34.63 40.94 -31.71
N PHE F 50 33.50 40.90 -30.98
CA PHE F 50 32.60 42.03 -30.98
C PHE F 50 33.22 43.24 -30.27
N LEU F 51 33.86 43.01 -29.12
CA LEU F 51 34.44 44.12 -28.36
C LEU F 51 35.58 44.77 -29.13
N ALA F 52 36.28 44.01 -29.98
CA ALA F 52 37.39 44.55 -30.77
C ALA F 52 36.95 45.20 -32.07
N ASP F 53 35.68 45.07 -32.48
CA ASP F 53 35.26 45.47 -33.82
C ASP F 53 34.88 46.94 -33.93
N GLY F 54 34.27 47.56 -32.91
CA GLY F 54 33.97 48.96 -33.08
C GLY F 54 32.98 49.65 -32.16
N GLN F 55 33.39 49.86 -30.91
CA GLN F 55 32.80 50.85 -30.01
C GLN F 55 31.28 50.86 -29.86
N ARG F 56 30.53 49.94 -30.59
CA ARG F 56 29.10 50.00 -30.32
C ARG F 56 28.74 49.15 -29.10
N PRO F 57 27.71 49.52 -28.34
CA PRO F 57 27.58 49.01 -26.96
C PRO F 57 27.16 47.53 -26.92
N LEU F 58 27.59 46.87 -25.85
CA LEU F 58 27.25 45.48 -25.59
C LEU F 58 26.47 45.36 -24.30
N GLU F 59 25.28 44.77 -24.40
CA GLU F 59 24.51 44.40 -23.22
C GLU F 59 24.21 42.90 -23.27
N LEU F 60 24.24 42.29 -22.09
CA LEU F 60 23.98 40.86 -21.92
C LEU F 60 22.70 40.64 -21.11
N ASP F 61 21.84 39.76 -21.63
CA ASP F 61 20.47 39.56 -21.17
C ASP F 61 20.31 38.09 -20.74
N LEU F 62 20.58 37.80 -19.46
CA LEU F 62 20.82 36.43 -19.01
C LEU F 62 19.61 35.87 -18.27
N ARG F 63 19.03 34.81 -18.80
CA ARG F 63 18.01 34.07 -18.09
C ARG F 63 18.58 32.72 -17.69
N LEU F 64 19.70 32.72 -16.99
CA LEU F 64 20.32 31.47 -16.58
C LEU F 64 19.72 31.00 -15.28
N LEU F 65 19.68 29.69 -15.12
CA LEU F 65 19.15 29.09 -13.90
C LEU F 65 20.30 28.47 -13.14
N TYR F 66 20.46 27.15 -13.18
CA TYR F 66 21.58 26.54 -12.46
C TYR F 66 22.84 26.62 -13.31
N LEU F 67 23.98 26.78 -12.62
CA LEU F 67 25.29 26.89 -13.26
C LEU F 67 26.26 25.95 -12.52
N ASN F 68 26.87 25.02 -13.24
CA ASN F 68 27.88 24.18 -12.61
C ASN F 68 29.16 25.00 -12.43
N THR F 69 30.21 24.34 -11.93
CA THR F 69 31.41 25.09 -11.52
C THR F 69 32.14 25.68 -12.71
N SER F 70 32.35 24.86 -13.75
CA SER F 70 33.06 25.38 -14.91
C SER F 70 32.22 26.43 -15.63
N SER F 71 30.90 26.32 -15.57
CA SER F 71 30.06 27.39 -16.14
C SER F 71 30.25 28.68 -15.36
N ILE F 72 30.42 28.60 -14.03
CA ILE F 72 30.65 29.82 -13.26
C ILE F 72 32.00 30.43 -13.63
N LYS F 73 33.01 29.59 -13.83
CA LYS F 73 34.29 30.06 -14.34
C LYS F 73 34.12 30.77 -15.69
N ALA F 74 33.32 30.19 -16.59
CA ALA F 74 33.15 30.80 -17.91
C ALA F 74 32.44 32.14 -17.80
N MET F 75 31.45 32.23 -16.92
CA MET F 75 30.78 33.49 -16.69
C MET F 75 31.74 34.54 -16.14
N MET F 76 32.63 34.15 -15.22
CA MET F 76 33.58 35.11 -14.68
C MET F 76 34.57 35.58 -15.75
N ASP F 77 34.99 34.68 -16.62
CA ASP F 77 35.77 35.12 -17.78
C ASP F 77 35.03 36.20 -18.56
N ILE F 78 33.75 35.94 -18.88
CA ILE F 78 32.99 36.87 -19.70
C ILE F 78 32.81 38.22 -19.01
N LEU F 79 32.46 38.18 -17.72
CA LEU F 79 32.36 39.42 -16.96
C LEU F 79 33.68 40.18 -16.92
N ASP F 80 34.81 39.46 -16.84
CA ASP F 80 36.12 40.11 -16.87
C ASP F 80 36.30 40.89 -18.17
N LEU F 81 35.98 40.25 -19.29
CA LEU F 81 36.07 40.95 -20.59
C LEU F 81 35.15 42.18 -20.64
N LEU F 82 33.95 42.07 -20.04
CA LEU F 82 33.04 43.22 -20.01
C LEU F 82 33.60 44.37 -19.18
N GLU F 83 34.17 44.07 -18.01
CA GLU F 83 34.76 45.13 -17.20
C GLU F 83 36.01 45.73 -17.86
N GLU F 84 36.77 44.90 -18.58
CA GLU F 84 37.87 45.40 -19.38
C GLU F 84 37.37 46.46 -20.36
N ALA F 85 36.35 46.12 -21.15
CA ALA F 85 35.79 47.08 -22.07
C ALA F 85 35.27 48.32 -21.35
N HIS F 86 34.62 48.13 -20.20
CA HIS F 86 33.98 49.25 -19.50
C HIS F 86 34.99 50.25 -18.96
N GLN F 87 36.09 49.78 -18.36
CA GLN F 87 37.09 50.73 -17.88
C GLN F 87 37.81 51.45 -19.02
N GLY F 88 37.71 50.92 -20.24
CA GLY F 88 38.20 51.57 -21.44
C GLY F 88 37.19 52.44 -22.15
N GLY F 89 36.10 52.80 -21.48
CA GLY F 89 35.11 53.70 -22.03
C GLY F 89 34.02 53.05 -22.85
N ARG F 90 34.13 51.75 -23.13
CA ARG F 90 33.11 51.08 -23.91
C ARG F 90 31.81 50.98 -23.10
N PRO F 91 30.68 51.47 -23.63
CA PRO F 91 29.39 51.23 -22.94
C PRO F 91 29.01 49.75 -23.00
N VAL F 92 29.03 49.10 -21.85
CA VAL F 92 28.61 47.71 -21.71
C VAL F 92 27.77 47.61 -20.45
N SER F 93 26.84 46.66 -20.45
CA SER F 93 26.08 46.37 -19.24
C SER F 93 25.37 45.04 -19.37
N LEU F 94 24.74 44.64 -18.27
CA LEU F 94 24.13 43.33 -18.15
C LEU F 94 22.90 43.45 -17.27
N ARG F 95 21.87 42.68 -17.60
CA ARG F 95 20.86 42.41 -16.61
C ARG F 95 20.66 40.90 -16.47
N TRP F 96 20.37 40.51 -15.21
CA TRP F 96 20.23 39.14 -14.74
C TRP F 96 18.78 38.91 -14.33
N HIS F 97 18.05 38.08 -15.08
CA HIS F 97 16.63 37.86 -14.81
C HIS F 97 16.43 36.59 -13.98
N TYR F 98 15.59 36.69 -12.95
CA TYR F 98 15.40 35.58 -12.03
C TYR F 98 13.97 35.53 -11.51
N ASP F 99 13.53 34.32 -11.17
CA ASP F 99 12.23 34.12 -10.54
C ASP F 99 12.24 34.72 -9.14
N ARG F 100 11.23 35.53 -8.84
CA ARG F 100 11.15 36.16 -7.52
C ARG F 100 11.12 35.11 -6.40
N ARG F 101 10.36 34.03 -6.60
CA ARG F 101 10.18 33.05 -5.52
C ARG F 101 11.47 32.34 -5.17
N ASN F 102 12.49 32.41 -6.01
CA ASN F 102 13.79 31.86 -5.67
C ASN F 102 14.67 32.99 -5.13
N GLU F 103 14.60 33.15 -3.80
CA GLU F 103 15.47 34.02 -3.00
C GLU F 103 16.92 34.01 -3.47
N ARG F 104 17.49 32.80 -3.55
CA ARG F 104 18.94 32.59 -3.55
C ARG F 104 19.62 32.94 -4.87
N VAL F 105 18.87 32.89 -5.98
CA VAL F 105 19.45 33.30 -7.26
C VAL F 105 19.86 34.75 -7.22
N ALA F 106 19.12 35.59 -6.48
CA ALA F 106 19.49 37.00 -6.37
C ALA F 106 20.84 37.16 -5.68
N GLU F 107 21.05 36.46 -4.57
CA GLU F 107 22.30 36.61 -3.84
C GLU F 107 23.48 36.05 -4.64
N LEU F 108 23.26 34.94 -5.34
CA LEU F 108 24.30 34.41 -6.22
C LEU F 108 24.66 35.43 -7.30
N ALA F 109 23.65 36.06 -7.91
CA ALA F 109 23.91 37.07 -8.93
C ALA F 109 24.67 38.25 -8.36
N GLU F 110 24.32 38.67 -7.13
CA GLU F 110 25.06 39.76 -6.50
C GLU F 110 26.54 39.38 -6.37
N GLU F 111 26.83 38.19 -5.84
CA GLU F 111 28.22 37.74 -5.78
C GLU F 111 28.91 37.79 -7.14
N PHE F 112 28.18 37.46 -8.21
CA PHE F 112 28.74 37.69 -9.55
C PHE F 112 29.03 39.17 -9.80
N ARG F 113 28.21 40.07 -9.23
CA ARG F 113 28.31 41.51 -9.50
C ARG F 113 29.44 42.19 -8.72
N GLU F 114 29.97 41.57 -7.65
CA GLU F 114 30.68 42.31 -6.62
C GLU F 114 31.90 43.05 -7.13
N ASP F 115 32.60 42.53 -8.14
CA ASP F 115 33.72 43.27 -8.70
C ASP F 115 33.43 43.79 -10.10
N CYS F 116 32.16 43.96 -10.45
CA CYS F 116 31.74 44.56 -11.72
C CYS F 116 31.34 46.01 -11.49
N SER F 117 32.00 46.93 -12.22
CA SER F 117 31.76 48.37 -12.11
C SER F 117 30.79 48.88 -13.16
N PHE F 118 30.47 48.10 -14.19
CA PHE F 118 29.52 48.48 -15.22
C PHE F 118 28.10 48.20 -14.72
N PRO F 119 27.08 48.72 -15.42
CA PRO F 119 25.70 48.51 -14.96
C PRO F 119 25.31 47.04 -14.92
N PHE F 120 24.99 46.57 -13.71
CA PHE F 120 24.69 45.17 -13.45
C PHE F 120 23.36 45.14 -12.70
N ALA F 121 22.27 44.89 -13.42
CA ALA F 121 20.93 44.98 -12.86
C ALA F 121 20.34 43.58 -12.71
N ILE F 122 19.93 43.24 -11.48
CA ILE F 122 19.36 41.93 -11.18
C ILE F 122 17.86 42.08 -11.06
N GLN F 123 17.10 41.23 -11.76
CA GLN F 123 15.72 41.54 -12.16
C GLN F 123 14.77 40.43 -11.77
N ALA F 124 13.76 40.75 -10.97
CA ALA F 124 12.73 39.78 -10.67
C ALA F 124 11.65 39.81 -11.73
N HIS F 125 10.97 38.67 -11.90
CA HIS F 125 9.80 38.60 -12.77
C HIS F 125 8.79 37.57 -12.29
MG MG G . -35.45 -40.01 22.33
PG G2P H . -37.35 -42.68 23.17
O1G G2P H . -36.76 -42.51 22.02
O2G G2P H . -36.72 -43.51 23.94
O3G G2P H . -38.67 -42.88 23.11
O3B G2P H . -37.18 -41.26 23.72
PB G2P H . -37.37 -40.40 25.02
O1B G2P H . -36.16 -39.95 25.20
O2B G2P H . -37.91 -41.02 26.06
C3A G2P H . -38.46 -39.07 24.77
PA G2P H . -38.44 -38.05 23.49
O1A G2P H . -39.77 -38.43 23.41
O2A G2P H . -37.37 -38.77 22.87
O5' G2P H . -38.10 -37.07 24.56
C5' G2P H . -36.81 -36.49 24.72
C4' G2P H . -36.81 -35.38 25.71
O4' G2P H . -35.92 -34.57 25.19
C3' G2P H . -37.97 -34.56 25.53
O3' G2P H . -38.70 -34.62 26.69
C2' G2P H . -37.34 -33.23 25.31
O2' G2P H . -37.94 -32.18 25.95
C1' G2P H . -36.06 -33.44 25.85
N9 G2P H . -35.12 -32.49 25.38
C8 G2P H . -35.27 -31.98 24.21
N7 G2P H . -34.32 -31.14 23.95
C5 G2P H . -33.55 -31.10 24.95
C6 G2P H . -32.44 -30.43 25.16
O6 G2P H . -31.96 -29.66 24.39
N1 G2P H . -31.78 -30.61 26.35
C2 G2P H . -32.31 -31.46 27.25
N2 G2P H . -31.70 -31.60 28.31
N3 G2P H . -33.44 -32.10 26.98
C4 G2P H . -34.04 -31.96 25.83
#